data_3SOB
#
_entry.id   3SOB
#
_cell.length_a   167.037
_cell.length_b   83.363
_cell.length_c   62.844
_cell.angle_alpha   90.00
_cell.angle_beta   111.80
_cell.angle_gamma   90.00
#
_symmetry.space_group_name_H-M   'C 1 2 1'
#
loop_
_entity.id
_entity.type
_entity.pdbx_description
1 polymer 'antibody light chain'
2 polymer 'Low-density lipoprotein receptor-related protein 6'
3 polymer 'antibody heavy chain'
4 non-polymer 'CALCIUM ION'
5 water water
#
loop_
_entity_poly.entity_id
_entity_poly.type
_entity_poly.pdbx_seq_one_letter_code
_entity_poly.pdbx_strand_id
1 'polypeptide(L)'
;MKKNIAFLLASMFVFSIATNAYADIQMTQSPSSLSASVGDRVTITCRASQDVSTAVAWYQQKPGKAPKLLIYSASFLYSG
VPSRFSGSGSGTDFTLTISSLQPEDFATYYCQQSYTTPPTFGQGTKVEIKRTVAAPSVFIFPPSDEQLKSGTASVVCLLN
NFYPREAKVQWKVDNALQSGNSQESVTEQDSKDSTYSLSSTLTLSKADYEKHKVYACEVTHQGLSSPVTKSFNRGEC
;
L
2 'polypeptide(L)'
;APLLLYANRRDLRLVDATNGKENATIVVGGLEDAAAVDFVFSHGLIYWSDVSEEAIKRTEFNKTESVQNVVVSGLLSPDG
LACDWLGEKLYWTDSETNRIEVSNLDGSLRKVLFWQELDQPRAIALDPSSGFMYWTDWGEVPKIERAGMDGSSRFIIINS
EIYWPNGLTLDYEEQKLYWADAKLNFIHKSNLDGTNRQAVVKGSLPHPFALTLFEDILYWTDWSTHSILACNKYTGEGLR
EIHSDIFSPMDIHAFSQQRQPNATNPCGIDNGGCSHLCLMSPVKPFYQCACPTGVKLLENGKTCKDGATELLLLAR
;
B
3 'polypeptide(L)'
;MKKNIAFLLASMFVFSIATNAYAEVQLVESGGGLVQPGGSLRLSCAASGFTFTNSYIHWVRQAPGKGLEWVGWITPYGGY
TNYADSVKGRFTISADTSKNTAYLQMNSLRAEDTAVYYCARGSGHVNAVKNYGYVMDYWGQGTLVTVSSASTKGPSVFPL
APSSKSTSGGTAALGCLVKDYFPEPVTVSWNSGALTSGVHTFPAVLQSSGLYSLSSVVTVPSSSLGTQTYICNVNHKPSN
TKVDKKVEPKSCDKTH
;
H
#
# COMPACT_ATOMS: atom_id res chain seq x y z
N ASP A 24 7.08 -10.86 -12.45
CA ASP A 24 6.10 -10.47 -11.44
C ASP A 24 5.92 -11.60 -10.43
N ILE A 25 5.67 -11.22 -9.17
CA ILE A 25 5.39 -12.19 -8.12
C ILE A 25 3.90 -12.51 -8.10
N GLN A 26 3.56 -13.76 -8.38
CA GLN A 26 2.17 -14.22 -8.33
C GLN A 26 1.73 -14.51 -6.90
N MET A 27 0.61 -13.91 -6.51
CA MET A 27 0.01 -14.17 -5.20
C MET A 27 -1.24 -15.03 -5.41
N THR A 28 -1.27 -16.21 -4.79
CA THR A 28 -2.31 -17.22 -4.98
C THR A 28 -3.05 -17.42 -3.65
N GLN A 29 -4.33 -17.08 -3.59
CA GLN A 29 -5.13 -17.33 -2.39
C GLN A 29 -5.94 -18.61 -2.51
N SER A 30 -6.19 -19.24 -1.36
CA SER A 30 -7.11 -20.37 -1.30
C SER A 30 -7.83 -20.35 0.04
N PRO A 31 -9.12 -20.76 0.04
CA PRO A 31 -9.93 -21.07 -1.15
C PRO A 31 -10.38 -19.76 -1.79
N SER A 32 -10.92 -19.81 -3.00
CA SER A 32 -11.42 -18.60 -3.62
C SER A 32 -12.74 -18.14 -3.00
N SER A 33 -13.43 -19.06 -2.35
CA SER A 33 -14.59 -18.66 -1.53
C SER A 33 -14.82 -19.65 -0.44
N LEU A 34 -15.52 -19.20 0.59
CA LEU A 34 -15.89 -20.09 1.67
C LEU A 34 -17.11 -19.56 2.38
N SER A 35 -17.77 -20.45 3.11
CA SER A 35 -18.90 -20.12 3.93
C SER A 35 -18.61 -20.72 5.31
N ALA A 36 -18.75 -19.91 6.36
CA ALA A 36 -18.61 -20.42 7.72
C ALA A 36 -19.63 -19.77 8.67
N SER A 37 -19.89 -20.41 9.80
CA SER A 37 -20.91 -19.93 10.73
C SER A 37 -20.36 -18.84 11.63
N VAL A 38 -21.24 -17.99 12.15
CA VAL A 38 -20.82 -17.02 13.14
C VAL A 38 -20.11 -17.76 14.29
N GLY A 39 -18.99 -17.20 14.74
CA GLY A 39 -18.19 -17.82 15.79
C GLY A 39 -17.15 -18.81 15.28
N ASP A 40 -17.23 -19.16 14.00
CA ASP A 40 -16.26 -20.09 13.41
C ASP A 40 -14.90 -19.45 13.26
N ARG A 41 -13.86 -20.29 13.28
CA ARG A 41 -12.50 -19.86 13.01
C ARG A 41 -12.24 -20.09 11.53
N VAL A 42 -11.87 -19.03 10.83
CA VAL A 42 -11.68 -19.09 9.39
C VAL A 42 -10.21 -18.85 9.01
N THR A 43 -9.73 -19.63 8.06
CA THR A 43 -8.34 -19.56 7.63
C THR A 43 -8.28 -19.39 6.12
N ILE A 44 -7.57 -18.36 5.67
CA ILE A 44 -7.36 -18.08 4.25
C ILE A 44 -5.85 -18.08 4.01
N THR A 45 -5.38 -18.84 3.04
CA THR A 45 -3.95 -18.88 2.77
C THR A 45 -3.59 -18.01 1.56
N CYS A 46 -2.35 -17.54 1.54
CA CYS A 46 -1.85 -16.75 0.44
C CYS A 46 -0.44 -17.25 0.19
N ARG A 47 -0.15 -17.60 -1.06
CA ARG A 47 1.17 -18.08 -1.41
C ARG A 47 1.81 -17.20 -2.47
N ALA A 48 3.08 -16.85 -2.25
CA ALA A 48 3.87 -16.02 -3.16
C ALA A 48 4.76 -16.92 -4.00
N SER A 49 4.94 -16.57 -5.26
CA SER A 49 5.77 -17.34 -6.18
C SER A 49 7.26 -17.17 -5.87
N GLN A 50 7.59 -16.19 -5.04
CA GLN A 50 8.95 -15.92 -4.59
C GLN A 50 8.96 -15.63 -3.12
N ASP A 51 10.13 -15.71 -2.50
CA ASP A 51 10.25 -15.34 -1.09
C ASP A 51 10.09 -13.82 -0.99
N VAL A 52 9.06 -13.36 -0.28
CA VAL A 52 8.87 -11.92 -0.07
C VAL A 52 9.01 -11.57 1.41
N SER A 53 9.77 -12.38 2.14
CA SER A 53 10.10 -12.09 3.53
C SER A 53 8.83 -11.99 4.36
N THR A 54 8.59 -10.86 5.03
CA THR A 54 7.30 -10.68 5.69
C THR A 54 6.50 -9.53 5.08
N ALA A 55 6.86 -9.15 3.86
CA ALA A 55 6.24 -8.00 3.20
C ALA A 55 4.89 -8.36 2.57
N VAL A 56 3.92 -8.63 3.42
CA VAL A 56 2.58 -9.00 2.96
C VAL A 56 1.48 -8.24 3.70
N ALA A 57 0.50 -7.75 2.94
CA ALA A 57 -0.63 -7.05 3.53
C ALA A 57 -1.96 -7.71 3.20
N TRP A 58 -2.94 -7.51 4.06
CA TRP A 58 -4.29 -8.03 3.83
C TRP A 58 -5.33 -6.91 3.86
N TYR A 59 -6.29 -7.00 2.97
CA TYR A 59 -7.32 -5.98 2.85
C TYR A 59 -8.68 -6.62 2.87
N GLN A 60 -9.66 -5.87 3.35
CA GLN A 60 -11.06 -6.32 3.31
C GLN A 60 -11.84 -5.40 2.37
N GLN A 61 -12.56 -5.97 1.42
CA GLN A 61 -13.42 -5.15 0.57
C GLN A 61 -14.89 -5.54 0.67
N LYS A 62 -15.69 -4.59 1.14
CA LYS A 62 -17.14 -4.74 1.16
C LYS A 62 -17.66 -4.28 -0.20
N PRO A 63 -18.74 -4.90 -0.68
CA PRO A 63 -19.32 -4.56 -1.99
C PRO A 63 -19.59 -3.06 -2.15
N GLY A 64 -19.21 -2.52 -3.30
CA GLY A 64 -19.43 -1.11 -3.59
C GLY A 64 -18.54 -0.15 -2.80
N LYS A 65 -17.53 -0.68 -2.12
CA LYS A 65 -16.62 0.14 -1.32
C LYS A 65 -15.16 -0.13 -1.65
N ALA A 66 -14.28 0.79 -1.29
CA ALA A 66 -12.85 0.60 -1.48
C ALA A 66 -12.30 -0.42 -0.48
N PRO A 67 -11.23 -1.12 -0.86
CA PRO A 67 -10.59 -2.01 0.11
C PRO A 67 -10.16 -1.26 1.38
N LYS A 68 -10.12 -1.97 2.51
CA LYS A 68 -9.59 -1.42 3.75
C LYS A 68 -8.45 -2.30 4.26
N LEU A 69 -7.35 -1.66 4.64
CA LEU A 69 -6.20 -2.36 5.19
C LEU A 69 -6.54 -3.01 6.53
N LEU A 70 -6.20 -4.30 6.66
CA LEU A 70 -6.42 -5.02 7.91
C LEU A 70 -5.09 -5.25 8.58
N ILE A 71 -4.12 -5.69 7.77
CA ILE A 71 -2.86 -6.21 8.30
C ILE A 71 -1.69 -5.90 7.36
N TYR A 72 -0.53 -5.56 7.91
CA TYR A 72 0.65 -5.53 7.05
C TYR A 72 1.87 -6.08 7.76
N SER A 73 2.97 -6.16 7.02
CA SER A 73 4.16 -6.82 7.52
C SER A 73 3.82 -8.24 8.00
N ALA A 74 2.84 -8.84 7.32
CA ALA A 74 2.40 -10.21 7.55
C ALA A 74 1.60 -10.42 8.84
N SER A 75 1.98 -9.75 9.92
CA SER A 75 1.34 -10.03 11.20
C SER A 75 0.98 -8.78 12.01
N PHE A 76 1.18 -7.60 11.44
CA PHE A 76 0.96 -6.38 12.20
C PHE A 76 -0.47 -5.86 12.00
N LEU A 77 -1.24 -5.83 13.08
CA LEU A 77 -2.65 -5.48 13.00
C LEU A 77 -2.79 -3.97 12.89
N TYR A 78 -3.47 -3.53 11.85
CA TYR A 78 -3.59 -2.11 11.57
C TYR A 78 -4.48 -1.45 12.61
N SER A 79 -4.17 -0.22 12.99
CA SER A 79 -4.92 0.48 14.01
C SER A 79 -6.40 0.52 13.71
N GLY A 80 -7.23 0.17 14.70
CA GLY A 80 -8.67 0.23 14.57
C GLY A 80 -9.34 -1.02 14.01
N VAL A 81 -8.53 -2.00 13.61
CA VAL A 81 -9.05 -3.25 13.06
C VAL A 81 -9.26 -4.27 14.21
N PRO A 82 -10.41 -4.96 14.20
CA PRO A 82 -10.77 -5.89 15.28
C PRO A 82 -9.73 -6.98 15.51
N SER A 83 -9.51 -7.28 16.78
CA SER A 83 -8.54 -8.27 17.23
C SER A 83 -8.78 -9.69 16.69
N ARG A 84 -10.02 -10.01 16.32
CA ARG A 84 -10.30 -11.31 15.72
C ARG A 84 -9.51 -11.56 14.43
N PHE A 85 -9.06 -10.50 13.77
CA PHE A 85 -8.24 -10.65 12.57
C PHE A 85 -6.77 -10.80 12.96
N SER A 86 -6.11 -11.82 12.42
CA SER A 86 -4.67 -11.93 12.62
C SER A 86 -4.00 -12.51 11.39
N GLY A 87 -2.73 -12.19 11.21
CA GLY A 87 -1.99 -12.67 10.07
C GLY A 87 -0.75 -13.35 10.55
N SER A 88 -0.29 -14.35 9.81
CA SER A 88 0.97 -15.01 10.12
C SER A 88 1.66 -15.41 8.83
N GLY A 89 2.91 -15.84 8.94
CA GLY A 89 3.61 -16.36 7.78
C GLY A 89 4.86 -15.61 7.45
N SER A 90 5.67 -16.21 6.59
CA SER A 90 6.99 -15.67 6.28
C SER A 90 7.45 -16.34 5.00
N GLY A 91 8.25 -15.65 4.19
CA GLY A 91 8.81 -16.28 3.00
C GLY A 91 7.81 -16.38 1.86
N THR A 92 7.21 -17.56 1.70
CA THR A 92 6.21 -17.76 0.64
C THR A 92 4.81 -18.11 1.15
N ASP A 93 4.68 -18.49 2.42
CA ASP A 93 3.37 -18.99 2.89
C ASP A 93 2.76 -18.12 3.98
N PHE A 94 1.59 -17.56 3.68
CA PHE A 94 0.97 -16.57 4.57
C PHE A 94 -0.46 -16.93 4.86
N THR A 95 -0.91 -16.58 6.06
CA THR A 95 -2.25 -16.93 6.47
C THR A 95 -2.98 -15.76 7.09
N LEU A 96 -4.24 -15.59 6.70
CA LEU A 96 -5.13 -14.71 7.42
C LEU A 96 -6.09 -15.57 8.23
N THR A 97 -6.25 -15.25 9.52
CA THR A 97 -7.20 -15.94 10.38
C THR A 97 -8.21 -14.99 10.99
N ILE A 98 -9.48 -15.36 10.89
CA ILE A 98 -10.52 -14.70 11.66
C ILE A 98 -10.88 -15.68 12.77
N SER A 99 -10.57 -15.33 14.02
CA SER A 99 -10.72 -16.28 15.13
C SER A 99 -12.19 -16.58 15.46
N SER A 100 -13.05 -15.61 15.18
CA SER A 100 -14.47 -15.78 15.49
C SER A 100 -15.31 -14.95 14.53
N LEU A 101 -15.81 -15.61 13.50
CA LEU A 101 -16.44 -14.92 12.38
C LEU A 101 -17.71 -14.20 12.84
N GLN A 102 -17.91 -12.99 12.35
CA GLN A 102 -19.05 -12.17 12.73
C GLN A 102 -19.84 -11.83 11.48
N PRO A 103 -21.12 -11.50 11.65
CA PRO A 103 -21.95 -11.26 10.46
C PRO A 103 -21.41 -10.13 9.59
N GLU A 104 -20.77 -9.14 10.20
CA GLU A 104 -20.28 -7.99 9.45
C GLU A 104 -18.98 -8.33 8.70
N ASP A 105 -18.50 -9.56 8.85
CA ASP A 105 -17.28 -9.96 8.17
C ASP A 105 -17.51 -10.46 6.75
N PHE A 106 -18.77 -10.54 6.31
CA PHE A 106 -19.04 -10.78 4.91
C PHE A 106 -18.24 -9.79 4.03
N ALA A 107 -17.36 -10.33 3.17
CA ALA A 107 -16.51 -9.47 2.32
C ALA A 107 -15.65 -10.31 1.38
N THR A 108 -14.94 -9.63 0.47
CA THR A 108 -13.84 -10.27 -0.23
C THR A 108 -12.52 -9.82 0.40
N TYR A 109 -11.68 -10.78 0.74
CA TYR A 109 -10.38 -10.51 1.36
C TYR A 109 -9.24 -10.72 0.35
N TYR A 110 -8.30 -9.77 0.32
CA TYR A 110 -7.17 -9.83 -0.60
C TYR A 110 -5.85 -9.79 0.17
N CYS A 111 -4.93 -10.69 -0.20
CA CYS A 111 -3.53 -10.52 0.20
C CYS A 111 -2.80 -9.74 -0.90
N GLN A 112 -1.68 -9.11 -0.54
CA GLN A 112 -0.85 -8.39 -1.50
C GLN A 112 0.57 -8.44 -1.01
N GLN A 113 1.52 -8.64 -1.92
CA GLN A 113 2.92 -8.42 -1.55
C GLN A 113 3.27 -6.94 -1.72
N SER A 114 3.90 -6.40 -0.67
CA SER A 114 4.41 -5.02 -0.66
C SER A 114 5.94 -5.05 -0.68
N TYR A 115 6.47 -6.11 -1.25
CA TYR A 115 7.88 -6.43 -1.22
C TYR A 115 8.67 -5.73 -2.34
N THR A 116 8.09 -5.68 -3.54
CA THR A 116 8.81 -5.12 -4.67
C THR A 116 7.83 -4.71 -5.77
N THR A 117 8.32 -3.98 -6.76
CA THR A 117 7.52 -3.56 -7.91
C THR A 117 7.50 -4.63 -9.00
N PRO A 118 6.32 -4.88 -9.61
CA PRO A 118 5.05 -4.24 -9.28
C PRO A 118 4.39 -4.87 -8.05
N PRO A 119 3.69 -4.05 -7.25
CA PRO A 119 2.81 -4.61 -6.21
C PRO A 119 1.78 -5.52 -6.88
N THR A 120 1.53 -6.69 -6.31
CA THR A 120 0.60 -7.65 -6.89
C THR A 120 -0.33 -8.18 -5.80
N PHE A 121 -1.58 -8.41 -6.19
CA PHE A 121 -2.62 -8.90 -5.28
C PHE A 121 -2.98 -10.33 -5.60
N GLY A 122 -3.40 -11.06 -4.57
CA GLY A 122 -4.05 -12.35 -4.75
C GLY A 122 -5.41 -12.13 -5.41
N GLN A 123 -6.01 -13.22 -5.88
CA GLN A 123 -7.24 -13.07 -6.67
C GLN A 123 -8.45 -12.82 -5.77
N GLY A 124 -8.26 -12.92 -4.46
CA GLY A 124 -9.33 -12.64 -3.51
C GLY A 124 -10.07 -13.88 -3.02
N THR A 125 -10.59 -13.81 -1.79
CA THR A 125 -11.35 -14.90 -1.20
C THR A 125 -12.66 -14.33 -0.68
N LYS A 126 -13.77 -14.83 -1.23
CA LYS A 126 -15.09 -14.36 -0.88
C LYS A 126 -15.55 -15.12 0.36
N VAL A 127 -15.90 -14.40 1.42
CA VAL A 127 -16.34 -15.00 2.68
C VAL A 127 -17.83 -14.72 2.84
N GLU A 128 -18.61 -15.79 2.98
CA GLU A 128 -20.05 -15.70 3.23
C GLU A 128 -20.33 -16.22 4.64
N ILE A 129 -21.36 -15.67 5.30
CA ILE A 129 -21.73 -16.17 6.62
C ILE A 129 -22.79 -17.27 6.50
N LYS A 130 -22.55 -18.42 7.14
CA LYS A 130 -23.52 -19.51 7.11
C LYS A 130 -24.42 -19.38 8.32
N ARG A 131 -25.74 -19.38 8.09
CA ARG A 131 -26.71 -19.27 9.18
C ARG A 131 -27.85 -20.28 9.01
N THR A 132 -28.80 -20.28 9.93
CA THR A 132 -29.96 -21.16 9.79
C THR A 132 -30.76 -20.85 8.52
N VAL A 133 -31.46 -21.87 8.02
CA VAL A 133 -32.28 -21.70 6.82
C VAL A 133 -33.39 -20.70 7.08
N ALA A 134 -33.65 -19.85 6.10
CA ALA A 134 -34.71 -18.86 6.20
C ALA A 134 -35.41 -18.80 4.84
N ALA A 135 -36.72 -19.03 4.85
CA ALA A 135 -37.47 -19.08 3.61
C ALA A 135 -37.69 -17.66 3.14
N PRO A 136 -37.67 -17.43 1.83
CA PRO A 136 -37.90 -16.07 1.34
C PRO A 136 -39.37 -15.68 1.48
N SER A 137 -39.64 -14.42 1.76
CA SER A 137 -40.99 -13.88 1.58
C SER A 137 -41.10 -13.45 0.12
N VAL A 138 -42.16 -13.88 -0.56
CA VAL A 138 -42.24 -13.64 -2.00
C VAL A 138 -43.34 -12.64 -2.34
N PHE A 139 -43.06 -11.81 -3.33
CA PHE A 139 -43.96 -10.73 -3.72
C PHE A 139 -43.90 -10.60 -5.24
N ILE A 140 -45.05 -10.40 -5.87
CA ILE A 140 -45.05 -10.11 -7.29
C ILE A 140 -45.62 -8.73 -7.60
N PHE A 141 -45.07 -8.09 -8.64
CA PHE A 141 -45.46 -6.75 -9.06
C PHE A 141 -45.82 -6.73 -10.54
N PRO A 142 -47.06 -6.36 -10.87
CA PRO A 142 -47.46 -6.19 -12.27
C PRO A 142 -46.74 -4.98 -12.86
N PRO A 143 -46.60 -4.94 -14.20
CA PRO A 143 -46.06 -3.72 -14.78
C PRO A 143 -47.00 -2.54 -14.47
N SER A 144 -46.43 -1.34 -14.35
CA SER A 144 -47.22 -0.14 -14.15
C SER A 144 -47.87 0.32 -15.46
N ASP A 145 -49.00 1.00 -15.34
CA ASP A 145 -49.68 1.61 -16.48
C ASP A 145 -48.72 2.55 -17.21
N GLU A 146 -47.88 3.24 -16.44
CA GLU A 146 -46.92 4.18 -17.00
C GLU A 146 -45.99 3.50 -17.99
N GLN A 147 -45.43 2.36 -17.59
CA GLN A 147 -44.51 1.65 -18.47
C GLN A 147 -45.25 1.08 -19.66
N LEU A 148 -46.46 0.59 -19.40
CA LEU A 148 -47.28 0.00 -20.46
C LEU A 148 -47.39 0.96 -21.64
N LYS A 149 -47.65 2.24 -21.35
CA LYS A 149 -47.76 3.24 -22.40
C LYS A 149 -46.57 3.13 -23.34
N SER A 150 -45.37 3.15 -22.76
CA SER A 150 -44.12 3.13 -23.51
C SER A 150 -43.99 1.95 -24.48
N GLY A 151 -44.79 0.91 -24.28
CA GLY A 151 -44.79 -0.24 -25.17
C GLY A 151 -44.07 -1.46 -24.64
N THR A 152 -43.78 -1.48 -23.34
CA THR A 152 -43.05 -2.61 -22.77
C THR A 152 -43.58 -3.00 -21.39
N ALA A 153 -43.46 -4.28 -21.05
CA ALA A 153 -43.99 -4.80 -19.80
C ALA A 153 -42.95 -5.54 -18.98
N SER A 154 -42.60 -4.98 -17.83
CA SER A 154 -41.67 -5.62 -16.90
C SER A 154 -42.47 -6.14 -15.73
N VAL A 155 -42.34 -7.45 -15.46
CA VAL A 155 -42.99 -8.06 -14.31
C VAL A 155 -41.92 -8.44 -13.31
N VAL A 156 -42.12 -8.10 -12.05
CA VAL A 156 -41.06 -8.29 -11.07
C VAL A 156 -41.46 -9.19 -9.94
N CYS A 157 -40.62 -10.19 -9.67
CA CYS A 157 -40.79 -11.07 -8.54
C CYS A 157 -39.68 -10.85 -7.53
N LEU A 158 -40.05 -10.65 -6.28
CA LEU A 158 -39.11 -10.34 -5.21
C LEU A 158 -39.05 -11.49 -4.21
N LEU A 159 -37.85 -11.95 -3.92
CA LEU A 159 -37.64 -12.92 -2.85
C LEU A 159 -36.90 -12.18 -1.75
N ASN A 160 -37.53 -12.02 -0.59
CA ASN A 160 -36.95 -11.16 0.43
C ASN A 160 -36.39 -11.90 1.64
N ASN A 161 -35.16 -11.59 2.00
CA ASN A 161 -34.55 -12.02 3.25
C ASN A 161 -34.49 -13.54 3.44
N PHE A 162 -33.79 -14.23 2.55
CA PHE A 162 -33.68 -15.68 2.61
C PHE A 162 -32.25 -16.17 2.73
N TYR A 163 -32.11 -17.43 3.10
CA TYR A 163 -30.82 -18.09 3.19
C TYR A 163 -31.11 -19.60 3.16
N PRO A 164 -30.28 -20.38 2.47
CA PRO A 164 -29.13 -19.94 1.70
C PRO A 164 -29.51 -19.25 0.39
N ARG A 165 -28.48 -18.88 -0.38
CA ARG A 165 -28.69 -18.04 -1.56
C ARG A 165 -29.35 -18.80 -2.70
N GLU A 166 -29.08 -20.10 -2.77
CA GLU A 166 -29.59 -20.92 -3.86
C GLU A 166 -31.11 -20.95 -3.83
N ALA A 167 -31.74 -20.55 -4.93
CA ALA A 167 -33.19 -20.50 -5.06
C ALA A 167 -33.51 -20.72 -6.53
N LYS A 168 -34.65 -21.36 -6.82
CA LYS A 168 -35.10 -21.46 -8.21
C LYS A 168 -36.35 -20.61 -8.39
N VAL A 169 -36.31 -19.70 -9.35
CA VAL A 169 -37.42 -18.79 -9.59
C VAL A 169 -37.88 -18.95 -11.03
N GLN A 170 -39.11 -19.41 -11.22
CA GLN A 170 -39.58 -19.68 -12.57
C GLN A 170 -40.80 -18.83 -12.89
N TRP A 171 -40.84 -18.31 -14.11
CA TRP A 171 -42.00 -17.57 -14.58
C TRP A 171 -42.92 -18.48 -15.38
N LYS A 172 -44.22 -18.33 -15.14
CA LYS A 172 -45.26 -19.01 -15.90
C LYS A 172 -46.31 -18.00 -16.37
N VAL A 173 -46.63 -18.06 -17.66
CA VAL A 173 -47.58 -17.13 -18.27
C VAL A 173 -48.68 -18.02 -18.83
N ASP A 174 -49.91 -17.88 -18.30
CA ASP A 174 -50.99 -18.84 -18.55
C ASP A 174 -50.48 -20.28 -18.43
N ASN A 175 -49.76 -20.53 -17.34
CA ASN A 175 -49.25 -21.86 -16.98
C ASN A 175 -48.15 -22.43 -17.88
N ALA A 176 -47.69 -21.65 -18.87
CA ALA A 176 -46.55 -22.06 -19.68
C ALA A 176 -45.24 -21.56 -19.05
N LEU A 177 -44.38 -22.49 -18.64
CA LEU A 177 -43.06 -22.15 -18.12
C LEU A 177 -42.31 -21.32 -19.16
N GLN A 178 -41.75 -20.18 -18.73
CA GLN A 178 -40.98 -19.30 -19.62
C GLN A 178 -39.49 -19.61 -19.56
N SER A 179 -38.76 -19.27 -20.62
CA SER A 179 -37.31 -19.30 -20.55
C SER A 179 -36.73 -18.24 -21.46
N GLY A 180 -35.56 -17.73 -21.10
CA GLY A 180 -34.84 -16.78 -21.95
C GLY A 180 -35.26 -15.33 -21.81
N ASN A 181 -36.37 -15.05 -21.12
CA ASN A 181 -36.90 -13.69 -21.08
C ASN A 181 -36.95 -13.02 -19.71
N SER A 182 -36.14 -13.53 -18.78
CA SER A 182 -36.06 -12.94 -17.44
C SER A 182 -34.61 -12.81 -17.01
N GLN A 183 -34.37 -11.94 -16.03
CA GLN A 183 -33.02 -11.76 -15.49
C GLN A 183 -33.12 -11.58 -13.98
N GLU A 184 -32.11 -12.07 -13.27
CA GLU A 184 -32.10 -11.99 -11.82
C GLU A 184 -31.01 -11.09 -11.30
N SER A 185 -31.23 -10.59 -10.08
CA SER A 185 -30.21 -9.86 -9.35
C SER A 185 -30.35 -10.20 -7.88
N VAL A 186 -29.23 -10.31 -7.19
CA VAL A 186 -29.21 -10.70 -5.79
C VAL A 186 -28.43 -9.67 -5.01
N THR A 187 -28.97 -9.25 -3.87
CA THR A 187 -28.24 -8.33 -2.99
C THR A 187 -27.05 -9.05 -2.37
N GLU A 188 -26.14 -8.29 -1.78
CA GLU A 188 -25.06 -8.87 -1.00
C GLU A 188 -25.62 -9.31 0.33
N GLN A 189 -24.92 -10.23 0.98
CA GLN A 189 -25.41 -10.79 2.23
C GLN A 189 -25.58 -9.66 3.26
N ASP A 190 -26.71 -9.68 3.95
CA ASP A 190 -27.01 -8.65 4.95
C ASP A 190 -25.97 -8.68 6.08
N SER A 191 -25.39 -7.53 6.38
CA SER A 191 -24.35 -7.42 7.40
C SER A 191 -24.90 -7.70 8.79
N LYS A 192 -26.22 -7.54 8.93
CA LYS A 192 -26.90 -7.76 10.20
C LYS A 192 -27.44 -9.20 10.35
N ASP A 193 -28.36 -9.61 9.48
CA ASP A 193 -29.00 -10.93 9.60
C ASP A 193 -28.50 -11.99 8.61
N SER A 194 -27.52 -11.65 7.80
CA SER A 194 -26.87 -12.60 6.89
C SER A 194 -27.82 -13.22 5.85
N THR A 195 -28.91 -12.52 5.54
CA THR A 195 -29.83 -13.00 4.51
C THR A 195 -29.57 -12.33 3.16
N TYR A 196 -30.20 -12.89 2.13
CA TYR A 196 -30.14 -12.34 0.78
C TYR A 196 -31.52 -11.91 0.38
N SER A 197 -31.59 -11.03 -0.60
CA SER A 197 -32.84 -10.80 -1.31
C SER A 197 -32.55 -10.89 -2.81
N LEU A 198 -33.59 -11.16 -3.59
CA LEU A 198 -33.40 -11.41 -5.01
C LEU A 198 -34.59 -10.90 -5.79
N SER A 199 -34.31 -10.33 -6.96
CA SER A 199 -35.32 -9.86 -7.87
C SER A 199 -35.22 -10.64 -9.18
N SER A 200 -36.36 -11.01 -9.71
CA SER A 200 -36.41 -11.60 -11.03
C SER A 200 -37.34 -10.72 -11.86
N THR A 201 -36.86 -10.27 -13.00
CA THR A 201 -37.64 -9.41 -13.88
C THR A 201 -37.92 -10.12 -15.20
N LEU A 202 -39.21 -10.24 -15.51
CA LEU A 202 -39.65 -10.81 -16.77
C LEU A 202 -39.99 -9.66 -17.71
N THR A 203 -39.40 -9.68 -18.90
CA THR A 203 -39.68 -8.62 -19.87
C THR A 203 -40.37 -9.16 -21.12
N LEU A 204 -41.55 -8.63 -21.40
CA LEU A 204 -42.26 -8.96 -22.63
C LEU A 204 -42.57 -7.65 -23.32
N SER A 205 -42.82 -7.70 -24.63
CA SER A 205 -43.37 -6.55 -25.32
C SER A 205 -44.77 -6.33 -24.76
N LYS A 206 -45.30 -5.14 -24.94
CA LYS A 206 -46.64 -4.86 -24.46
C LYS A 206 -47.67 -5.75 -25.18
N ALA A 207 -47.42 -6.04 -26.46
CA ALA A 207 -48.35 -6.83 -27.26
C ALA A 207 -48.39 -8.29 -26.85
N ASP A 208 -47.26 -8.84 -26.41
CA ASP A 208 -47.24 -10.21 -25.91
C ASP A 208 -47.88 -10.28 -24.54
N TYR A 209 -47.62 -9.25 -23.73
CA TYR A 209 -48.21 -9.16 -22.40
C TYR A 209 -49.74 -9.20 -22.47
N GLU A 210 -50.30 -8.51 -23.46
CA GLU A 210 -51.76 -8.48 -23.58
C GLU A 210 -52.36 -9.73 -24.22
N LYS A 211 -51.49 -10.60 -24.74
CA LYS A 211 -51.93 -11.90 -25.26
C LYS A 211 -52.33 -12.88 -24.17
N HIS A 212 -51.94 -12.61 -22.92
CA HIS A 212 -52.08 -13.59 -21.86
C HIS A 212 -52.72 -13.05 -20.58
N LYS A 213 -53.19 -13.95 -19.72
CA LYS A 213 -53.94 -13.52 -18.53
C LYS A 213 -53.20 -13.70 -17.20
N VAL A 214 -52.77 -14.92 -16.91
CA VAL A 214 -52.19 -15.24 -15.60
C VAL A 214 -50.67 -15.14 -15.61
N TYR A 215 -50.16 -14.30 -14.73
CA TYR A 215 -48.73 -14.08 -14.59
C TYR A 215 -48.30 -14.58 -13.23
N ALA A 216 -47.46 -15.60 -13.25
CA ALA A 216 -47.08 -16.29 -12.04
C ALA A 216 -45.58 -16.43 -11.87
N CYS A 217 -45.14 -16.17 -10.64
CA CYS A 217 -43.77 -16.37 -10.22
C CYS A 217 -43.74 -17.52 -9.23
N GLU A 218 -42.96 -18.55 -9.54
CA GLU A 218 -42.92 -19.75 -8.70
C GLU A 218 -41.51 -19.95 -8.11
N VAL A 219 -41.45 -20.10 -6.79
CA VAL A 219 -40.17 -20.09 -6.09
C VAL A 219 -39.90 -21.38 -5.34
N THR A 220 -38.77 -22.01 -5.64
CA THR A 220 -38.33 -23.20 -4.94
C THR A 220 -37.15 -22.86 -4.04
N HIS A 221 -37.26 -23.18 -2.75
CA HIS A 221 -36.19 -22.88 -1.80
C HIS A 221 -36.20 -23.87 -0.65
N GLN A 222 -35.01 -24.14 -0.13
CA GLN A 222 -34.83 -25.10 0.96
C GLN A 222 -35.75 -24.83 2.16
N GLY A 223 -36.09 -23.56 2.40
CA GLY A 223 -36.92 -23.19 3.55
C GLY A 223 -38.40 -23.41 3.32
N LEU A 224 -38.74 -23.88 2.13
CA LEU A 224 -40.13 -24.08 1.72
C LEU A 224 -40.39 -25.57 1.49
N SER A 225 -41.41 -26.14 2.14
CA SER A 225 -41.71 -27.57 1.96
C SER A 225 -42.14 -27.89 0.51
N SER A 226 -42.75 -26.91 -0.15
CA SER A 226 -43.05 -27.05 -1.59
C SER A 226 -43.04 -25.66 -2.22
N PRO A 227 -42.86 -25.60 -3.55
CA PRO A 227 -42.64 -24.28 -4.18
C PRO A 227 -43.79 -23.32 -3.94
N VAL A 228 -43.47 -22.05 -3.67
CA VAL A 228 -44.49 -21.03 -3.51
C VAL A 228 -44.75 -20.29 -4.83
N THR A 229 -46.02 -20.11 -5.15
CA THR A 229 -46.40 -19.31 -6.31
C THR A 229 -47.09 -18.00 -5.90
N LYS A 230 -46.71 -16.92 -6.55
CA LYS A 230 -47.39 -15.63 -6.41
C LYS A 230 -47.82 -15.25 -7.82
N SER A 231 -49.10 -14.91 -7.99
CA SER A 231 -49.64 -14.65 -9.34
C SER A 231 -50.57 -13.45 -9.33
N PHE A 232 -50.84 -12.94 -10.53
CA PHE A 232 -51.94 -12.02 -10.77
C PHE A 232 -52.55 -12.29 -12.14
N ASN A 233 -53.78 -11.81 -12.33
CA ASN A 233 -54.40 -11.84 -13.65
C ASN A 233 -54.34 -10.44 -14.23
N ARG A 234 -53.80 -10.32 -15.43
CA ARG A 234 -53.67 -9.02 -16.08
C ARG A 234 -54.99 -8.26 -16.04
N GLY A 235 -54.94 -7.05 -15.48
CA GLY A 235 -56.12 -6.21 -15.38
C GLY A 235 -57.12 -6.69 -14.33
N GLU A 236 -56.81 -6.41 -13.06
CA GLU A 236 -57.73 -6.70 -11.97
C GLU A 236 -57.47 -5.79 -10.76
N ALA B 1 39.95 1.74 -10.36
CA ALA B 1 38.60 1.56 -9.82
C ALA B 1 38.53 0.39 -8.83
N PRO B 2 37.78 0.59 -7.74
CA PRO B 2 37.73 -0.36 -6.62
C PRO B 2 36.58 -1.35 -6.74
N LEU B 3 36.57 -2.31 -5.81
CA LEU B 3 35.40 -3.11 -5.53
C LEU B 3 34.49 -2.23 -4.69
N LEU B 4 33.19 -2.31 -4.93
CA LEU B 4 32.19 -1.62 -4.13
C LEU B 4 31.36 -2.65 -3.36
N LEU B 5 31.38 -2.49 -2.04
CA LEU B 5 30.59 -3.28 -1.11
C LEU B 5 29.27 -2.56 -0.86
N TYR B 6 28.16 -3.24 -1.11
CA TYR B 6 26.86 -2.62 -0.82
C TYR B 6 25.85 -3.55 -0.23
N ALA B 7 24.99 -2.99 0.62
CA ALA B 7 23.87 -3.74 1.19
C ALA B 7 22.72 -3.73 0.18
N ASN B 8 21.89 -4.78 0.21
CA ASN B 8 20.88 -5.00 -0.83
C ASN B 8 19.62 -5.69 -0.27
N ARG B 9 19.34 -5.43 1.00
CA ARG B 9 18.21 -6.01 1.75
C ARG B 9 18.30 -7.53 2.04
N ARG B 10 18.27 -8.37 1.00
CA ARG B 10 18.35 -9.81 1.23
C ARG B 10 19.78 -10.34 1.24
N ASP B 11 20.73 -9.49 0.84
CA ASP B 11 22.13 -9.87 0.83
C ASP B 11 23.05 -8.64 0.84
N LEU B 12 24.36 -8.90 0.97
CA LEU B 12 25.39 -7.90 0.77
C LEU B 12 26.17 -8.31 -0.47
N ARG B 13 26.49 -7.35 -1.33
CA ARG B 13 27.17 -7.65 -2.59
C ARG B 13 28.47 -6.87 -2.81
N LEU B 14 29.26 -7.36 -3.76
CA LEU B 14 30.53 -6.74 -4.12
C LEU B 14 30.55 -6.69 -5.64
N VAL B 15 30.75 -5.50 -6.20
CA VAL B 15 30.85 -5.33 -7.65
C VAL B 15 32.14 -4.56 -7.98
N ASP B 16 32.86 -5.04 -9.00
CA ASP B 16 34.07 -4.39 -9.49
C ASP B 16 33.64 -3.18 -10.31
N ALA B 17 33.98 -1.98 -9.83
CA ALA B 17 33.53 -0.76 -10.49
C ALA B 17 34.07 -0.69 -11.92
N THR B 18 35.06 -1.52 -12.19
CA THR B 18 35.78 -1.51 -13.46
C THR B 18 35.05 -2.39 -14.47
N ASN B 19 34.05 -3.12 -13.99
CA ASN B 19 33.31 -4.09 -14.79
C ASN B 19 31.87 -4.27 -14.29
N GLY B 20 31.18 -3.16 -14.08
CA GLY B 20 29.87 -3.17 -13.45
C GLY B 20 28.78 -3.85 -14.27
N LYS B 21 29.15 -4.38 -15.42
CA LYS B 21 28.19 -5.06 -16.29
C LYS B 21 28.01 -6.53 -15.92
N GLU B 22 29.02 -7.12 -15.27
CA GLU B 22 28.95 -8.51 -14.83
C GLU B 22 28.07 -8.64 -13.57
N ASN B 23 27.70 -9.88 -13.24
CA ASN B 23 26.96 -10.14 -12.01
C ASN B 23 27.79 -9.73 -10.79
N ALA B 24 27.14 -9.11 -9.81
CA ALA B 24 27.79 -8.80 -8.55
C ALA B 24 27.96 -10.12 -7.79
N THR B 25 28.99 -10.21 -6.96
CA THR B 25 29.17 -11.39 -6.13
C THR B 25 28.43 -11.21 -4.81
N ILE B 26 27.78 -12.27 -4.35
CA ILE B 26 27.10 -12.21 -3.07
C ILE B 26 28.09 -12.58 -1.95
N VAL B 27 28.44 -11.60 -1.13
CA VAL B 27 29.37 -11.86 -0.02
C VAL B 27 28.66 -12.57 1.12
N VAL B 28 27.43 -12.15 1.41
CA VAL B 28 26.65 -12.69 2.50
C VAL B 28 25.21 -12.77 2.02
N GLY B 29 24.62 -13.95 2.10
CA GLY B 29 23.26 -14.15 1.64
C GLY B 29 22.31 -14.50 2.78
N GLY B 30 21.04 -14.68 2.44
CA GLY B 30 20.05 -15.11 3.43
C GLY B 30 19.73 -14.07 4.48
N LEU B 31 19.80 -12.80 4.11
CA LEU B 31 19.51 -11.71 5.02
C LEU B 31 18.04 -11.27 4.90
N GLU B 32 17.54 -10.56 5.90
CA GLU B 32 16.13 -10.16 5.86
C GLU B 32 15.93 -8.74 5.34
N ASP B 33 16.59 -7.77 5.96
CA ASP B 33 16.44 -6.37 5.58
C ASP B 33 17.73 -5.58 5.87
N ALA B 34 18.83 -6.05 5.28
CA ALA B 34 20.14 -5.43 5.45
C ALA B 34 20.15 -4.02 4.88
N ALA B 35 20.52 -3.05 5.72
CA ALA B 35 20.49 -1.64 5.30
C ALA B 35 21.87 -0.99 5.31
N ALA B 36 22.45 -0.85 6.50
CA ALA B 36 23.77 -0.22 6.63
C ALA B 36 24.88 -1.27 6.50
N VAL B 37 26.05 -0.83 6.06
CA VAL B 37 27.19 -1.73 5.87
C VAL B 37 28.51 -0.99 6.03
N ASP B 38 29.49 -1.68 6.58
CA ASP B 38 30.85 -1.14 6.66
C ASP B 38 31.78 -2.32 6.91
N PHE B 39 33.06 -2.04 7.15
CA PHE B 39 34.04 -3.11 7.25
C PHE B 39 35.22 -2.69 8.09
N VAL B 40 36.00 -3.66 8.56
CA VAL B 40 37.31 -3.34 9.13
C VAL B 40 38.30 -4.14 8.31
N PHE B 41 38.95 -3.47 7.37
CA PHE B 41 39.73 -4.20 6.37
C PHE B 41 40.85 -5.05 6.94
N SER B 42 41.61 -4.48 7.86
CA SER B 42 42.75 -5.20 8.42
C SER B 42 42.33 -6.41 9.24
N HIS B 43 41.07 -6.42 9.69
CA HIS B 43 40.55 -7.50 10.53
C HIS B 43 39.76 -8.54 9.73
N GLY B 44 39.52 -8.26 8.44
CA GLY B 44 38.74 -9.15 7.59
C GLY B 44 37.28 -9.27 8.03
N LEU B 45 36.75 -8.16 8.53
CA LEU B 45 35.38 -8.12 9.06
C LEU B 45 34.45 -7.27 8.21
N ILE B 46 33.22 -7.75 8.00
CA ILE B 46 32.17 -6.94 7.39
C ILE B 46 31.00 -6.85 8.36
N TYR B 47 30.53 -5.64 8.61
CA TYR B 47 29.42 -5.38 9.53
C TYR B 47 28.20 -4.93 8.75
N TRP B 48 27.01 -5.23 9.27
CA TRP B 48 25.79 -4.70 8.66
C TRP B 48 24.69 -4.56 9.68
N SER B 49 23.74 -3.69 9.36
CA SER B 49 22.51 -3.60 10.16
C SER B 49 21.38 -4.28 9.41
N ASP B 50 20.48 -4.91 10.17
CA ASP B 50 19.26 -5.47 9.60
C ASP B 50 18.07 -4.84 10.32
N VAL B 51 17.27 -4.07 9.61
CA VAL B 51 16.24 -3.26 10.26
C VAL B 51 14.97 -4.03 10.57
N SER B 52 14.82 -5.24 10.02
CA SER B 52 13.70 -6.07 10.41
C SER B 52 14.06 -6.96 11.62
N GLU B 53 15.25 -7.53 11.61
CA GLU B 53 15.74 -8.27 12.77
C GLU B 53 16.10 -7.34 13.92
N GLU B 54 16.25 -6.06 13.61
CA GLU B 54 16.68 -5.04 14.59
C GLU B 54 18.02 -5.40 15.23
N ALA B 55 19.02 -5.56 14.38
CA ALA B 55 20.32 -6.09 14.80
C ALA B 55 21.44 -5.57 13.96
N ILE B 56 22.63 -5.65 14.54
CA ILE B 56 23.86 -5.42 13.79
C ILE B 56 24.62 -6.74 13.88
N LYS B 57 25.11 -7.19 12.74
CA LYS B 57 25.81 -8.46 12.64
C LYS B 57 27.15 -8.24 12.00
N ARG B 58 27.98 -9.29 12.00
CA ARG B 58 29.25 -9.22 11.26
C ARG B 58 29.60 -10.60 10.75
N THR B 59 30.51 -10.64 9.78
CA THR B 59 31.08 -11.90 9.37
C THR B 59 32.54 -11.70 9.03
N GLU B 60 33.27 -12.79 8.83
CA GLU B 60 34.64 -12.75 8.36
C GLU B 60 34.66 -12.98 6.86
N PHE B 61 35.32 -12.09 6.12
CA PHE B 61 35.29 -12.12 4.67
C PHE B 61 35.91 -13.40 4.11
N ASN B 62 35.19 -13.99 3.15
CA ASN B 62 35.59 -15.25 2.51
C ASN B 62 35.97 -16.38 3.47
N LYS B 63 35.47 -16.30 4.70
CA LYS B 63 35.57 -17.39 5.66
C LYS B 63 34.20 -17.57 6.30
N THR B 64 33.20 -16.97 5.66
CA THR B 64 31.80 -17.18 5.99
C THR B 64 31.49 -18.68 5.84
N GLU B 65 30.38 -19.17 6.40
CA GLU B 65 29.36 -18.34 7.07
C GLU B 65 29.51 -18.30 8.59
N SER B 66 30.60 -17.72 9.06
CA SER B 66 30.79 -17.54 10.49
C SER B 66 30.17 -16.22 10.94
N VAL B 67 28.89 -16.03 10.63
CA VAL B 67 28.19 -14.81 11.01
C VAL B 67 27.81 -14.78 12.49
N GLN B 68 27.91 -13.58 13.07
CA GLN B 68 27.57 -13.37 14.47
C GLN B 68 26.66 -12.18 14.67
N ASN B 69 25.83 -12.22 15.70
CA ASN B 69 25.10 -11.04 16.12
C ASN B 69 25.99 -10.26 17.06
N VAL B 70 26.07 -8.95 16.88
CA VAL B 70 26.91 -8.15 17.77
C VAL B 70 26.12 -7.14 18.60
N VAL B 71 25.08 -6.55 18.02
CA VAL B 71 24.13 -5.76 18.80
C VAL B 71 22.73 -6.27 18.53
N VAL B 72 22.00 -6.63 19.60
CA VAL B 72 20.73 -7.31 19.43
C VAL B 72 19.57 -6.65 20.19
N SER B 73 19.88 -5.70 21.05
CA SER B 73 18.83 -5.13 21.88
C SER B 73 18.83 -3.61 21.83
N GLY B 74 17.67 -2.99 21.98
CA GLY B 74 17.57 -1.54 22.04
C GLY B 74 17.71 -0.86 20.69
N LEU B 75 17.49 -1.62 19.61
CA LEU B 75 17.50 -1.08 18.25
C LEU B 75 16.09 -1.22 17.66
N LEU B 76 15.71 -0.28 16.80
CA LEU B 76 14.43 -0.36 16.13
C LEU B 76 14.66 -0.08 14.65
N SER B 77 15.32 1.04 14.35
CA SER B 77 15.69 1.33 12.95
C SER B 77 17.14 1.78 12.84
N PRO B 78 18.09 0.82 12.96
CA PRO B 78 19.52 1.13 12.84
C PRO B 78 19.93 1.41 11.39
N ASP B 79 19.66 2.64 10.93
CA ASP B 79 19.77 2.97 9.50
C ASP B 79 21.18 3.28 9.04
N GLY B 80 22.08 3.51 10.00
CA GLY B 80 23.46 3.91 9.69
C GLY B 80 24.47 3.27 10.62
N LEU B 81 25.68 3.06 10.12
CA LEU B 81 26.68 2.29 10.86
C LEU B 81 28.06 2.63 10.32
N ALA B 82 29.05 2.76 11.19
CA ALA B 82 30.42 2.97 10.73
C ALA B 82 31.40 2.28 11.65
N CYS B 83 32.45 1.73 11.05
CA CYS B 83 33.50 1.06 11.80
C CYS B 83 34.70 1.99 12.01
N ASP B 84 35.10 2.17 13.26
CA ASP B 84 36.34 2.87 13.57
C ASP B 84 37.45 1.84 13.45
N TRP B 85 38.16 1.82 12.33
CA TRP B 85 39.20 0.82 12.11
C TRP B 85 40.48 1.06 12.92
N LEU B 86 40.56 2.23 13.57
CA LEU B 86 41.76 2.63 14.30
C LEU B 86 41.60 2.38 15.82
N GLY B 87 40.55 2.97 16.40
CA GLY B 87 40.23 2.75 17.80
C GLY B 87 39.56 1.40 18.03
N GLU B 88 39.16 0.73 16.95
CA GLU B 88 38.47 -0.55 17.01
C GLU B 88 37.10 -0.42 17.70
N LYS B 89 36.20 0.31 17.06
CA LYS B 89 34.91 0.65 17.63
C LYS B 89 33.85 0.57 16.56
N LEU B 90 32.61 0.43 17.02
CA LEU B 90 31.47 0.36 16.14
C LEU B 90 30.54 1.49 16.54
N TYR B 91 30.13 2.27 15.54
CA TYR B 91 29.19 3.39 15.76
C TYR B 91 27.94 3.13 14.94
N TRP B 92 26.79 3.62 15.42
CA TRP B 92 25.56 3.48 14.65
C TRP B 92 24.52 4.50 15.05
N THR B 93 23.59 4.75 14.13
CA THR B 93 22.51 5.68 14.36
C THR B 93 21.22 4.88 14.36
N ASP B 94 20.22 5.34 15.08
CA ASP B 94 18.91 4.67 15.06
C ASP B 94 17.86 5.74 14.96
N SER B 95 17.08 5.70 13.88
CA SER B 95 16.15 6.77 13.55
C SER B 95 14.86 6.59 14.30
N GLU B 96 14.73 5.48 15.02
CA GLU B 96 13.52 5.26 15.76
C GLU B 96 13.72 5.37 17.27
N THR B 97 14.86 4.89 17.76
CA THR B 97 15.21 5.17 19.17
C THR B 97 15.81 6.56 19.33
N ASN B 98 16.13 7.19 18.21
CA ASN B 98 16.74 8.53 18.18
C ASN B 98 18.05 8.62 18.94
N ARG B 99 19.02 7.81 18.55
CA ARG B 99 20.24 7.60 19.32
C ARG B 99 21.46 7.43 18.43
N ILE B 100 22.61 7.90 18.88
CA ILE B 100 23.88 7.51 18.27
C ILE B 100 24.67 6.78 19.37
N GLU B 101 25.19 5.58 19.07
CA GLU B 101 25.87 4.80 20.09
C GLU B 101 27.18 4.25 19.57
N VAL B 102 28.01 3.77 20.48
CA VAL B 102 29.31 3.18 20.13
C VAL B 102 29.49 1.93 20.99
N SER B 103 30.27 0.97 20.50
CA SER B 103 30.62 -0.20 21.30
C SER B 103 31.97 -0.69 20.80
N ASN B 104 32.53 -1.70 21.46
CA ASN B 104 33.68 -2.40 20.89
C ASN B 104 33.26 -3.14 19.62
N LEU B 105 34.25 -3.65 18.89
CA LEU B 105 33.96 -4.37 17.65
C LEU B 105 33.11 -5.61 17.91
N ASP B 106 33.25 -6.21 19.10
CA ASP B 106 32.49 -7.40 19.43
C ASP B 106 31.15 -7.05 20.10
N GLY B 107 30.82 -5.77 20.15
CA GLY B 107 29.53 -5.36 20.68
C GLY B 107 29.54 -5.10 22.19
N SER B 108 30.68 -5.34 22.83
CA SER B 108 30.74 -5.17 24.28
C SER B 108 30.88 -3.70 24.67
N LEU B 109 30.57 -3.41 25.93
CA LEU B 109 30.81 -2.07 26.48
C LEU B 109 30.04 -0.98 25.72
N ARG B 110 28.75 -1.20 25.44
CA ARG B 110 27.99 -0.25 24.64
C ARG B 110 27.76 1.04 25.41
N LYS B 111 27.85 2.17 24.73
CA LYS B 111 27.65 3.47 25.32
C LYS B 111 26.81 4.37 24.40
N VAL B 112 25.72 4.90 24.93
CA VAL B 112 24.93 5.87 24.17
C VAL B 112 25.67 7.20 24.14
N LEU B 113 26.06 7.67 22.95
CA LEU B 113 26.73 8.95 22.84
C LEU B 113 25.77 10.14 22.81
N PHE B 114 24.74 10.05 21.96
CA PHE B 114 23.75 11.11 21.88
C PHE B 114 22.35 10.52 21.84
N TRP B 115 21.43 11.15 22.55
CA TRP B 115 20.08 10.64 22.55
C TRP B 115 19.07 11.77 22.59
N GLN B 116 19.53 13.00 22.42
CA GLN B 116 18.65 14.15 22.38
C GLN B 116 18.83 14.94 21.11
N GLU B 117 17.79 15.66 20.72
CA GLU B 117 17.83 16.50 19.52
C GLU B 117 18.20 15.70 18.28
N LEU B 118 17.79 14.43 18.27
CA LEU B 118 17.88 13.60 17.07
C LEU B 118 16.46 13.30 16.62
N ASP B 119 16.22 13.41 15.31
CA ASP B 119 14.89 13.18 14.74
C ASP B 119 14.98 12.04 13.71
N GLN B 120 15.59 12.28 12.56
CA GLN B 120 15.84 11.18 11.62
C GLN B 120 17.35 11.03 11.32
N PRO B 121 18.14 10.65 12.33
CA PRO B 121 19.56 10.47 12.05
C PRO B 121 19.74 9.36 11.04
N ARG B 122 20.74 9.49 10.16
CA ARG B 122 20.94 8.50 9.11
C ARG B 122 22.41 8.12 8.94
N ALA B 123 23.08 8.76 7.99
CA ALA B 123 24.42 8.36 7.60
C ALA B 123 25.42 8.80 8.65
N ILE B 124 26.46 8.00 8.83
CA ILE B 124 27.50 8.37 9.79
C ILE B 124 28.86 8.02 9.22
N ALA B 125 29.81 8.93 9.39
CA ALA B 125 31.16 8.73 8.84
C ALA B 125 32.18 9.17 9.87
N LEU B 126 33.33 8.50 9.85
CA LEU B 126 34.34 8.68 10.89
C LEU B 126 35.66 9.08 10.28
N ASP B 127 36.35 10.00 10.98
CA ASP B 127 37.73 10.36 10.68
C ASP B 127 38.58 10.02 11.90
N PRO B 128 38.91 8.73 12.09
CA PRO B 128 39.51 8.26 13.34
C PRO B 128 40.79 8.99 13.72
N SER B 129 41.64 9.30 12.74
CA SER B 129 42.90 9.96 13.01
C SER B 129 42.70 11.42 13.46
N SER B 130 41.52 11.98 13.20
CA SER B 130 41.22 13.34 13.66
C SER B 130 40.28 13.32 14.84
N GLY B 131 39.76 12.15 15.20
CA GLY B 131 38.89 12.03 16.35
C GLY B 131 37.49 12.61 16.19
N PHE B 132 37.02 12.78 14.95
CA PHE B 132 35.68 13.30 14.69
C PHE B 132 34.79 12.27 14.02
N MET B 133 33.48 12.38 14.30
CA MET B 133 32.44 11.60 13.64
C MET B 133 31.46 12.60 13.07
N TYR B 134 30.81 12.21 11.97
CA TYR B 134 29.96 13.12 11.22
C TYR B 134 28.67 12.36 10.95
N TRP B 135 27.53 13.02 11.06
CA TRP B 135 26.26 12.34 10.73
C TRP B 135 25.22 13.27 10.10
N THR B 136 24.24 12.69 9.39
CA THR B 136 23.15 13.50 8.81
C THR B 136 21.84 13.23 9.57
N ASP B 137 20.88 14.13 9.43
CA ASP B 137 19.59 13.96 10.07
C ASP B 137 18.59 14.56 9.09
N TRP B 138 17.70 13.73 8.57
CA TRP B 138 16.78 14.21 7.56
C TRP B 138 15.40 14.52 8.16
N GLY B 139 15.37 14.85 9.44
CA GLY B 139 14.12 15.11 10.13
C GLY B 139 13.56 16.51 9.95
N GLU B 140 12.78 16.94 10.94
CA GLU B 140 12.07 18.22 10.86
C GLU B 140 13.01 19.41 10.74
N VAL B 141 14.17 19.28 11.36
CA VAL B 141 15.22 20.27 11.18
C VAL B 141 16.41 19.52 10.63
N PRO B 142 16.51 19.48 9.29
CA PRO B 142 17.54 18.64 8.69
C PRO B 142 18.91 19.28 8.85
N LYS B 143 19.95 18.47 9.01
CA LYS B 143 21.26 19.05 9.28
C LYS B 143 22.34 17.99 9.08
N ILE B 144 23.58 18.48 9.03
CA ILE B 144 24.74 17.61 9.16
C ILE B 144 25.47 18.05 10.42
N GLU B 145 25.88 17.10 11.25
CA GLU B 145 26.54 17.46 12.50
C GLU B 145 27.88 16.78 12.58
N ARG B 146 28.75 17.33 13.42
CA ARG B 146 29.91 16.54 13.82
C ARG B 146 30.16 16.68 15.31
N ALA B 147 30.92 15.74 15.84
CA ALA B 147 31.27 15.73 17.26
C ALA B 147 32.53 14.90 17.39
N GLY B 148 33.14 14.93 18.57
CA GLY B 148 34.24 14.03 18.85
C GLY B 148 33.79 12.58 18.82
N MET B 149 34.71 11.69 18.46
CA MET B 149 34.39 10.25 18.45
C MET B 149 34.21 9.71 19.87
N ASP B 150 34.54 10.54 20.84
CA ASP B 150 34.29 10.22 22.23
C ASP B 150 32.96 10.81 22.70
N GLY B 151 32.20 11.42 21.79
CA GLY B 151 30.92 12.03 22.13
C GLY B 151 31.04 13.47 22.64
N SER B 152 32.21 14.08 22.48
CA SER B 152 32.44 15.44 22.93
C SER B 152 31.99 16.49 21.92
N SER B 153 31.72 17.70 22.40
CA SER B 153 31.70 18.90 21.54
C SER B 153 30.82 18.80 20.30
N ARG B 154 29.54 18.52 20.48
CA ARG B 154 28.65 18.35 19.32
C ARG B 154 28.38 19.70 18.65
N PHE B 155 28.55 19.76 17.33
CA PHE B 155 28.15 20.96 16.63
C PHE B 155 27.58 20.75 15.23
N ILE B 156 26.59 21.58 14.91
CA ILE B 156 25.96 21.57 13.62
C ILE B 156 26.85 22.25 12.59
N ILE B 157 27.18 21.55 11.51
CA ILE B 157 28.02 22.14 10.46
C ILE B 157 27.27 22.58 9.20
N ILE B 158 26.14 21.92 8.90
CA ILE B 158 25.30 22.36 7.78
C ILE B 158 23.86 22.38 8.25
N ASN B 159 23.17 23.50 8.02
CA ASN B 159 21.76 23.55 8.36
C ASN B 159 20.97 24.47 7.45
N SER B 160 21.50 24.74 6.26
CA SER B 160 20.76 25.50 5.27
C SER B 160 20.89 24.78 3.92
N GLU B 161 19.93 25.03 3.02
CA GLU B 161 19.91 24.37 1.71
C GLU B 161 20.04 22.86 1.92
N ILE B 162 19.15 22.32 2.76
CA ILE B 162 19.24 20.91 3.11
C ILE B 162 17.84 20.37 3.42
N TYR B 163 17.59 19.12 3.04
CA TYR B 163 16.23 18.59 3.16
C TYR B 163 16.26 17.09 3.48
N TRP B 164 16.73 16.27 2.54
CA TRP B 164 16.95 14.83 2.83
C TRP B 164 18.41 14.45 2.60
N PRO B 165 19.31 14.91 3.49
CA PRO B 165 20.72 14.48 3.46
C PRO B 165 20.86 12.99 3.77
N ASN B 166 20.91 12.16 2.72
CA ASN B 166 20.93 10.71 2.89
C ASN B 166 22.33 10.11 2.95
N GLY B 167 23.20 10.52 2.03
CA GLY B 167 24.53 9.94 1.94
C GLY B 167 25.55 10.93 2.48
N LEU B 168 26.62 10.42 3.09
CA LEU B 168 27.70 11.27 3.62
C LEU B 168 29.00 10.50 3.49
N THR B 169 30.05 11.13 2.97
CA THR B 169 31.36 10.50 3.02
C THR B 169 32.51 11.51 3.13
N LEU B 170 33.70 10.99 3.41
CA LEU B 170 34.86 11.83 3.67
C LEU B 170 35.96 11.51 2.68
N ASP B 171 36.72 12.54 2.27
CA ASP B 171 37.96 12.31 1.53
C ASP B 171 39.11 12.54 2.49
N TYR B 172 39.76 11.45 2.90
CA TYR B 172 40.85 11.56 3.91
C TYR B 172 42.11 12.21 3.33
N GLU B 173 42.30 12.07 2.04
CA GLU B 173 43.49 12.62 1.42
C GLU B 173 43.38 14.13 1.22
N GLU B 174 42.16 14.64 1.08
CA GLU B 174 41.97 16.05 0.77
C GLU B 174 41.23 16.82 1.86
N GLN B 175 40.80 16.12 2.90
CA GLN B 175 40.06 16.73 4.00
C GLN B 175 38.79 17.44 3.52
N LYS B 176 37.92 16.67 2.89
CA LYS B 176 36.72 17.24 2.35
C LYS B 176 35.54 16.33 2.71
N LEU B 177 34.38 16.95 2.86
CA LEU B 177 33.17 16.23 3.27
C LEU B 177 32.23 16.26 2.05
N TYR B 178 31.57 15.15 1.75
CA TYR B 178 30.62 15.12 0.62
C TYR B 178 29.28 14.59 1.12
N TRP B 179 28.18 15.11 0.59
CA TRP B 179 26.87 14.57 0.95
C TRP B 179 25.89 14.63 -0.19
N ALA B 180 24.90 13.73 -0.16
CA ALA B 180 23.87 13.64 -1.19
C ALA B 180 22.51 14.04 -0.60
N ASP B 181 21.79 14.96 -1.24
CA ASP B 181 20.48 15.34 -0.76
C ASP B 181 19.43 14.80 -1.72
N ALA B 182 18.60 13.86 -1.22
CA ALA B 182 17.68 13.13 -2.08
C ALA B 182 16.42 13.92 -2.41
N LYS B 183 16.20 15.00 -1.69
CA LYS B 183 15.02 15.81 -2.00
C LYS B 183 15.38 16.96 -2.93
N LEU B 184 16.54 17.57 -2.69
CA LEU B 184 16.98 18.74 -3.46
C LEU B 184 17.72 18.36 -4.74
N ASN B 185 18.08 17.08 -4.88
CA ASN B 185 18.61 16.56 -6.15
C ASN B 185 20.04 17.11 -6.40
N PHE B 186 20.89 17.04 -5.40
CA PHE B 186 22.29 17.35 -5.63
C PHE B 186 23.25 16.60 -4.71
N ILE B 187 24.52 16.65 -5.09
CA ILE B 187 25.63 16.29 -4.23
C ILE B 187 26.50 17.55 -4.03
N HIS B 188 26.81 17.84 -2.76
CA HIS B 188 27.66 18.98 -2.42
C HIS B 188 28.91 18.51 -1.68
N LYS B 189 29.88 19.42 -1.54
CA LYS B 189 31.09 19.14 -0.76
C LYS B 189 31.42 20.39 0.03
N SER B 190 32.21 20.23 1.08
CA SER B 190 32.61 21.36 1.93
C SER B 190 33.87 20.97 2.67
N ASN B 191 34.50 21.96 3.34
CA ASN B 191 35.52 21.67 4.34
C ASN B 191 34.86 20.85 5.44
N LEU B 192 35.67 20.17 6.24
CA LEU B 192 35.12 19.33 7.32
C LEU B 192 34.35 20.12 8.39
N ASP B 193 34.55 21.42 8.48
CA ASP B 193 33.77 22.23 9.42
C ASP B 193 32.56 22.82 8.70
N GLY B 194 32.32 22.37 7.46
CA GLY B 194 31.17 22.82 6.70
C GLY B 194 31.36 24.09 5.88
N THR B 195 32.49 24.79 6.07
CA THR B 195 32.74 26.02 5.31
C THR B 195 33.19 25.72 3.88
N ASN B 196 33.27 26.77 3.06
CA ASN B 196 33.68 26.62 1.65
C ASN B 196 32.85 25.57 0.92
N ARG B 197 31.54 25.68 1.07
CA ARG B 197 30.62 24.72 0.46
C ARG B 197 30.58 24.88 -1.08
N GLN B 198 30.46 23.78 -1.81
CA GLN B 198 30.37 23.85 -3.26
C GLN B 198 29.52 22.72 -3.85
N ALA B 199 28.82 23.04 -4.91
CA ALA B 199 28.04 22.05 -5.67
C ALA B 199 29.02 21.15 -6.42
N VAL B 200 28.68 19.86 -6.50
CA VAL B 200 29.40 18.91 -7.32
C VAL B 200 28.52 18.43 -8.49
N VAL B 201 27.41 17.78 -8.15
CA VAL B 201 26.47 17.19 -9.11
C VAL B 201 25.10 17.79 -8.87
N LYS B 202 24.44 18.30 -9.92
CA LYS B 202 23.23 19.11 -9.70
C LYS B 202 21.93 18.57 -10.31
N GLY B 203 21.97 17.35 -10.82
CA GLY B 203 20.77 16.72 -11.36
C GLY B 203 21.00 15.22 -11.47
N SER B 204 19.99 14.49 -11.92
CA SER B 204 20.06 13.02 -12.05
C SER B 204 20.30 12.32 -10.74
N LEU B 205 19.76 12.88 -9.67
CA LEU B 205 19.79 12.24 -8.38
C LEU B 205 18.36 12.13 -7.87
N PRO B 206 17.54 11.28 -8.51
CA PRO B 206 16.15 11.25 -8.06
C PRO B 206 15.98 10.72 -6.63
N HIS B 207 16.80 9.76 -6.22
CA HIS B 207 16.72 9.25 -4.84
C HIS B 207 18.02 8.61 -4.35
N PRO B 208 19.08 9.41 -4.21
CA PRO B 208 20.35 8.87 -3.70
C PRO B 208 20.18 8.42 -2.26
N PHE B 209 20.84 7.34 -1.87
CA PHE B 209 20.71 6.88 -0.50
C PHE B 209 22.05 6.98 0.21
N ALA B 210 23.08 6.42 -0.41
CA ALA B 210 24.40 6.32 0.24
C ALA B 210 25.50 6.68 -0.74
N LEU B 211 26.57 7.25 -0.23
CA LEU B 211 27.60 7.86 -1.05
C LEU B 211 28.94 7.37 -0.55
N THR B 212 29.86 7.07 -1.47
CA THR B 212 31.22 6.74 -1.10
C THR B 212 32.19 7.31 -2.16
N LEU B 213 33.46 7.00 -2.05
CA LEU B 213 34.43 7.66 -2.92
C LEU B 213 35.72 6.85 -3.01
N PHE B 214 36.38 6.91 -4.16
CA PHE B 214 37.67 6.27 -4.31
C PHE B 214 38.44 7.00 -5.38
N GLU B 215 39.63 7.47 -5.03
CA GLU B 215 40.46 8.26 -5.92
C GLU B 215 39.68 9.48 -6.41
N ASP B 216 39.59 9.69 -7.72
CA ASP B 216 38.93 10.90 -8.23
C ASP B 216 37.42 10.75 -8.44
N ILE B 217 36.84 9.66 -7.93
CA ILE B 217 35.46 9.33 -8.28
C ILE B 217 34.53 9.13 -7.10
N LEU B 218 33.35 9.73 -7.20
CA LEU B 218 32.24 9.48 -6.27
C LEU B 218 31.38 8.35 -6.78
N TYR B 219 30.92 7.50 -5.85
CA TYR B 219 29.96 6.44 -6.17
C TYR B 219 28.77 6.51 -5.24
N TRP B 220 27.58 6.29 -5.77
CA TRP B 220 26.41 6.28 -4.89
C TRP B 220 25.31 5.34 -5.38
N THR B 221 24.43 4.99 -4.44
CA THR B 221 23.27 4.15 -4.73
C THR B 221 22.07 5.05 -4.87
N ASP B 222 21.19 4.70 -5.80
CA ASP B 222 19.96 5.42 -5.99
C ASP B 222 18.76 4.46 -5.93
N TRP B 223 17.86 4.78 -5.01
CA TRP B 223 16.67 4.00 -4.77
C TRP B 223 15.67 3.99 -5.91
N SER B 224 15.67 5.04 -6.71
CA SER B 224 14.70 5.16 -7.80
C SER B 224 15.13 4.35 -9.01
N THR B 225 16.40 4.46 -9.35
CA THR B 225 16.92 3.84 -10.56
C THR B 225 17.49 2.45 -10.28
N HIS B 226 17.46 2.04 -9.03
CA HIS B 226 17.98 0.72 -8.64
C HIS B 226 19.35 0.49 -9.27
N SER B 227 20.28 1.41 -9.02
CA SER B 227 21.60 1.27 -9.60
C SER B 227 22.66 2.02 -8.79
N ILE B 228 23.91 1.80 -9.18
CA ILE B 228 25.04 2.55 -8.67
C ILE B 228 25.55 3.48 -9.77
N LEU B 229 25.74 4.75 -9.43
CA LEU B 229 26.22 5.76 -10.36
C LEU B 229 27.55 6.29 -9.87
N ALA B 230 28.28 6.95 -10.77
CA ALA B 230 29.61 7.51 -10.46
C ALA B 230 29.80 8.85 -11.16
N CYS B 231 30.62 9.71 -10.59
CA CYS B 231 31.05 10.91 -11.30
C CYS B 231 32.37 11.39 -10.77
N ASN B 232 32.94 12.38 -11.44
CA ASN B 232 34.18 13.00 -11.00
C ASN B 232 33.95 13.87 -9.76
N LYS B 233 34.71 13.63 -8.70
CA LYS B 233 34.51 14.33 -7.42
C LYS B 233 34.89 15.81 -7.43
N TYR B 234 35.67 16.23 -8.44
CA TYR B 234 36.13 17.62 -8.55
C TYR B 234 35.14 18.43 -9.37
N THR B 235 34.71 17.89 -10.49
CA THR B 235 33.92 18.64 -11.45
C THR B 235 32.44 18.24 -11.49
N GLY B 236 32.12 17.02 -11.04
CA GLY B 236 30.77 16.50 -11.19
C GLY B 236 30.51 15.99 -12.61
N GLU B 237 31.54 16.00 -13.44
CA GLU B 237 31.41 15.51 -14.81
C GLU B 237 31.56 14.00 -14.90
N GLY B 238 31.23 13.46 -16.07
CA GLY B 238 31.36 12.04 -16.34
C GLY B 238 30.37 11.18 -15.59
N LEU B 239 29.18 11.73 -15.36
CA LEU B 239 28.09 11.00 -14.71
C LEU B 239 27.81 9.72 -15.48
N ARG B 240 27.90 8.57 -14.82
CA ARG B 240 27.61 7.29 -15.50
C ARG B 240 27.04 6.23 -14.56
N GLU B 241 26.30 5.27 -15.12
CA GLU B 241 25.75 4.15 -14.37
C GLU B 241 26.78 3.03 -14.34
N ILE B 242 27.19 2.66 -13.13
CA ILE B 242 28.21 1.64 -12.91
C ILE B 242 27.61 0.23 -12.93
N HIS B 243 26.44 0.09 -12.31
CA HIS B 243 25.82 -1.21 -12.10
C HIS B 243 24.30 -1.03 -11.97
N SER B 244 23.55 -1.90 -12.65
CA SER B 244 22.12 -1.71 -12.83
C SER B 244 21.29 -2.91 -12.38
N ASP B 245 19.97 -2.73 -12.36
CA ASP B 245 19.01 -3.79 -12.02
C ASP B 245 19.28 -4.41 -10.64
N ILE B 246 19.59 -3.55 -9.68
CA ILE B 246 19.85 -4.00 -8.32
C ILE B 246 18.52 -4.10 -7.58
N PHE B 247 18.34 -5.19 -6.85
CA PHE B 247 17.07 -5.45 -6.20
C PHE B 247 16.61 -4.28 -5.33
N SER B 248 17.48 -3.88 -4.40
CA SER B 248 17.16 -2.78 -3.50
C SER B 248 18.46 -2.21 -2.90
N PRO B 249 19.19 -1.38 -3.67
CA PRO B 249 20.52 -0.99 -3.20
C PRO B 249 20.46 -0.10 -1.96
N MET B 250 21.38 -0.31 -1.03
CA MET B 250 21.33 0.40 0.24
C MET B 250 22.66 1.11 0.48
N ASP B 251 23.28 0.87 1.63
CA ASP B 251 24.53 1.56 1.98
C ASP B 251 25.63 1.01 1.08
N ILE B 252 26.69 1.78 0.89
CA ILE B 252 27.76 1.42 -0.04
C ILE B 252 29.13 1.98 0.40
N HIS B 253 30.18 1.20 0.20
CA HIS B 253 31.54 1.68 0.44
C HIS B 253 32.50 1.22 -0.65
N ALA B 254 33.50 2.04 -0.94
CA ALA B 254 34.64 1.58 -1.69
C ALA B 254 35.40 0.62 -0.77
N PHE B 255 35.46 -0.64 -1.18
CA PHE B 255 35.96 -1.71 -0.33
C PHE B 255 37.46 -1.90 -0.56
N SER B 256 38.25 -1.17 0.21
CA SER B 256 39.69 -1.15 0.00
C SER B 256 40.39 -0.77 1.29
N GLN B 257 41.56 -1.37 1.52
CA GLN B 257 42.41 -0.98 2.63
C GLN B 257 42.78 0.52 2.54
N GLN B 258 42.88 1.02 1.31
CA GLN B 258 43.27 2.41 1.10
C GLN B 258 42.22 3.39 1.60
N ARG B 259 40.99 2.92 1.74
CA ARG B 259 39.91 3.74 2.30
C ARG B 259 39.87 3.72 3.82
N GLN B 260 40.81 3.00 4.42
CA GLN B 260 40.99 3.00 5.86
C GLN B 260 42.45 3.23 6.17
N PRO B 261 42.91 4.48 5.98
CA PRO B 261 44.32 4.87 6.09
C PRO B 261 44.92 4.49 7.44
N ASN B 262 46.10 3.88 7.40
CA ASN B 262 46.81 3.50 8.62
C ASN B 262 47.27 4.72 9.40
N ALA B 263 47.32 4.56 10.72
CA ALA B 263 47.88 5.57 11.59
C ALA B 263 48.16 4.90 12.93
N THR B 264 48.82 5.62 13.82
CA THR B 264 49.06 5.07 15.14
C THR B 264 47.82 5.23 15.98
N ASN B 265 47.40 4.15 16.61
CA ASN B 265 46.33 4.22 17.58
C ASN B 265 46.80 4.95 18.82
N PRO B 266 46.25 6.15 19.07
CA PRO B 266 46.64 6.94 20.25
C PRO B 266 46.38 6.20 21.57
N CYS B 267 45.54 5.16 21.54
CA CYS B 267 45.28 4.36 22.74
C CYS B 267 46.46 3.44 23.06
N GLY B 268 47.26 3.14 22.05
CA GLY B 268 48.44 2.33 22.23
C GLY B 268 48.06 0.91 22.64
N ILE B 269 49.05 0.15 23.08
CA ILE B 269 48.83 -1.25 23.41
C ILE B 269 47.92 -1.42 24.63
N ASP B 270 47.97 -0.47 25.56
CA ASP B 270 47.31 -0.66 26.85
C ASP B 270 45.98 0.07 26.99
N ASN B 271 45.26 0.20 25.88
CA ASN B 271 43.93 0.80 25.91
C ASN B 271 43.94 2.20 26.51
N GLY B 272 45.04 2.91 26.33
CA GLY B 272 45.19 4.25 26.89
C GLY B 272 45.07 4.29 28.40
N GLY B 273 45.09 3.13 29.05
CA GLY B 273 44.98 3.08 30.51
C GLY B 273 43.54 3.19 30.96
N CYS B 274 42.62 3.15 29.99
CA CYS B 274 41.19 3.17 30.29
C CYS B 274 40.71 1.79 30.76
N SER B 275 39.87 1.77 31.79
CA SER B 275 39.33 0.52 32.31
C SER B 275 38.37 -0.11 31.31
N HIS B 276 37.63 0.72 30.59
CA HIS B 276 36.65 0.20 29.64
C HIS B 276 36.90 0.67 28.21
N LEU B 277 36.21 1.72 27.80
CA LEU B 277 36.36 2.21 26.41
C LEU B 277 37.50 3.20 26.25
N CYS B 278 38.25 3.05 25.17
CA CYS B 278 39.22 4.06 24.79
C CYS B 278 38.80 4.54 23.41
N LEU B 279 38.26 5.76 23.36
CA LEU B 279 37.66 6.34 22.18
C LEU B 279 38.57 7.39 21.57
N MET B 280 38.58 7.50 20.25
CA MET B 280 39.31 8.57 19.57
C MET B 280 38.74 9.92 20.02
N SER B 281 39.62 10.90 20.15
CA SER B 281 39.23 12.23 20.59
C SER B 281 39.91 13.27 19.71
N PRO B 282 39.21 14.37 19.41
CA PRO B 282 39.87 15.39 18.59
C PRO B 282 40.97 16.16 19.34
N VAL B 283 41.03 16.06 20.67
CA VAL B 283 41.97 16.86 21.46
C VAL B 283 43.10 16.02 22.05
N LYS B 284 44.29 16.61 22.17
CA LYS B 284 45.46 15.87 22.65
C LYS B 284 45.13 15.30 24.01
N PRO B 285 45.56 14.05 24.31
CA PRO B 285 46.38 13.12 23.53
C PRO B 285 45.59 12.27 22.51
N PHE B 286 44.42 12.75 22.09
CA PHE B 286 43.69 12.18 20.95
C PHE B 286 42.96 10.87 21.23
N TYR B 287 42.93 10.46 22.49
CA TYR B 287 42.00 9.44 22.94
C TYR B 287 41.33 9.96 24.20
N GLN B 288 40.19 9.36 24.54
CA GLN B 288 39.44 9.70 25.76
C GLN B 288 38.83 8.42 26.35
N CYS B 289 39.06 8.19 27.64
CA CYS B 289 38.45 7.04 28.31
C CYS B 289 36.95 7.25 28.51
N ALA B 290 36.19 6.16 28.42
CA ALA B 290 34.73 6.19 28.53
C ALA B 290 34.21 4.90 29.15
N CYS B 291 32.92 4.89 29.50
CA CYS B 291 32.33 3.81 30.27
C CYS B 291 30.99 3.47 29.64
N PRO B 292 30.53 2.21 29.80
CA PRO B 292 29.24 1.84 29.22
C PRO B 292 28.12 2.73 29.74
N THR B 293 26.97 2.74 29.08
CA THR B 293 25.96 3.74 29.42
C THR B 293 25.44 3.58 30.86
N GLY B 294 25.29 4.71 31.53
CA GLY B 294 24.86 4.72 32.92
C GLY B 294 26.01 4.81 33.91
N VAL B 295 27.19 4.34 33.53
CA VAL B 295 28.31 4.33 34.46
C VAL B 295 29.26 5.51 34.30
N LYS B 296 29.67 6.04 35.44
CA LYS B 296 30.42 7.29 35.51
C LYS B 296 31.93 7.08 35.48
N LEU B 297 32.62 8.00 34.82
CA LEU B 297 34.08 8.00 34.77
C LEU B 297 34.57 8.72 36.02
N LEU B 298 35.56 8.12 36.69
CA LEU B 298 36.10 8.69 37.92
C LEU B 298 37.06 9.86 37.71
N GLU B 299 37.44 10.49 38.82
CA GLU B 299 38.28 11.67 38.84
C GLU B 299 39.56 11.54 38.01
N ASN B 300 40.15 10.35 38.02
CA ASN B 300 41.41 10.13 37.31
C ASN B 300 41.29 10.09 35.79
N GLY B 301 40.05 10.12 35.28
CA GLY B 301 39.80 10.21 33.86
C GLY B 301 40.09 8.92 33.10
N LYS B 302 40.28 7.83 33.84
CA LYS B 302 40.68 6.59 33.21
C LYS B 302 39.88 5.38 33.66
N THR B 303 39.42 5.41 34.91
CA THR B 303 38.74 4.27 35.52
C THR B 303 37.25 4.53 35.73
N CYS B 304 36.42 3.59 35.30
CA CYS B 304 34.98 3.72 35.49
C CYS B 304 34.61 3.30 36.92
N LYS B 305 33.55 3.90 37.46
CA LYS B 305 33.02 3.47 38.76
C LYS B 305 32.66 1.98 38.74
N GLU C 24 -7.96 14.32 9.09
CA GLU C 24 -7.61 12.97 8.66
C GLU C 24 -7.22 12.93 7.19
N VAL C 25 -6.54 11.86 6.82
CA VAL C 25 -6.14 11.64 5.44
C VAL C 25 -7.38 11.54 4.56
N GLN C 26 -7.33 12.21 3.41
CA GLN C 26 -8.43 12.15 2.46
C GLN C 26 -7.88 12.03 1.04
N LEU C 27 -8.52 11.21 0.22
CA LEU C 27 -8.18 11.15 -1.20
C LEU C 27 -9.49 11.18 -1.99
N VAL C 28 -9.63 12.13 -2.90
CA VAL C 28 -10.88 12.25 -3.64
C VAL C 28 -10.62 12.17 -5.16
N GLU C 29 -11.13 11.11 -5.79
CA GLU C 29 -10.95 10.93 -7.23
C GLU C 29 -12.05 11.65 -8.00
N SER C 30 -11.70 12.14 -9.19
CA SER C 30 -12.72 12.69 -10.08
C SER C 30 -12.28 12.47 -11.53
N GLY C 31 -13.22 12.64 -12.46
CA GLY C 31 -12.90 12.62 -13.87
C GLY C 31 -13.32 11.34 -14.56
N GLY C 32 -13.85 10.40 -13.78
CA GLY C 32 -14.40 9.16 -14.31
C GLY C 32 -15.62 9.44 -15.18
N GLY C 33 -15.87 8.59 -16.15
CA GLY C 33 -16.99 8.83 -17.04
C GLY C 33 -16.98 7.91 -18.24
N LEU C 34 -17.97 8.08 -19.09
CA LEU C 34 -18.08 7.35 -20.34
C LEU C 34 -17.09 7.96 -21.35
N VAL C 35 -16.34 7.09 -22.04
CA VAL C 35 -15.35 7.53 -23.00
C VAL C 35 -15.31 6.52 -24.13
N GLN C 36 -15.18 7.00 -25.36
CA GLN C 36 -15.12 6.14 -26.53
C GLN C 36 -13.78 5.42 -26.64
N PRO C 37 -13.80 4.18 -27.15
CA PRO C 37 -12.59 3.40 -27.39
C PRO C 37 -11.64 4.17 -28.31
N GLY C 38 -10.35 4.08 -28.03
CA GLY C 38 -9.34 4.84 -28.75
C GLY C 38 -9.18 6.25 -28.22
N GLY C 39 -10.07 6.65 -27.32
CA GLY C 39 -10.00 8.00 -26.77
C GLY C 39 -9.05 8.11 -25.58
N SER C 40 -8.99 9.32 -25.00
CA SER C 40 -8.21 9.60 -23.80
C SER C 40 -9.09 10.04 -22.64
N LEU C 41 -8.59 9.84 -21.43
CA LEU C 41 -9.24 10.36 -20.23
C LEU C 41 -8.23 10.61 -19.11
N ARG C 42 -8.36 11.75 -18.46
CA ARG C 42 -7.50 12.10 -17.33
C ARG C 42 -8.26 12.01 -16.01
N LEU C 43 -7.79 11.19 -15.08
CA LEU C 43 -8.38 11.13 -13.76
C LEU C 43 -7.56 11.98 -12.80
N SER C 44 -8.21 12.52 -11.77
CA SER C 44 -7.50 13.30 -10.77
C SER C 44 -7.71 12.65 -9.41
N CYS C 45 -6.71 12.80 -8.54
CA CYS C 45 -6.79 12.35 -7.16
C CYS C 45 -6.41 13.53 -6.27
N ALA C 46 -7.40 14.18 -5.63
CA ALA C 46 -7.08 15.33 -4.76
C ALA C 46 -6.82 14.86 -3.34
N ALA C 47 -5.61 15.12 -2.85
CA ALA C 47 -5.21 14.67 -1.51
C ALA C 47 -5.24 15.78 -0.47
N SER C 48 -5.54 15.41 0.78
CA SER C 48 -5.45 16.35 1.89
C SER C 48 -5.21 15.62 3.20
N GLY C 49 -4.70 16.34 4.19
CA GLY C 49 -4.60 15.78 5.53
C GLY C 49 -3.28 15.09 5.82
N PHE C 50 -2.33 15.14 4.89
CA PHE C 50 -1.01 14.53 5.10
C PHE C 50 -0.04 15.20 4.14
N THR C 51 1.25 15.00 4.36
CA THR C 51 2.26 15.67 3.54
C THR C 51 2.45 14.96 2.21
N PHE C 52 1.84 15.55 1.18
CA PHE C 52 1.78 14.99 -0.17
C PHE C 52 3.14 14.50 -0.63
N THR C 53 4.15 15.31 -0.38
CA THR C 53 5.47 15.02 -0.94
C THR C 53 6.24 13.97 -0.14
N ASN C 54 5.65 13.50 0.96
CA ASN C 54 6.34 12.48 1.75
C ASN C 54 5.88 11.05 1.42
N SER C 55 5.05 10.93 0.39
CA SER C 55 4.29 9.70 0.17
C SER C 55 4.43 9.11 -1.22
N TYR C 56 4.15 7.81 -1.33
CA TYR C 56 3.76 7.23 -2.61
C TYR C 56 2.27 7.46 -2.80
N ILE C 57 1.87 7.78 -4.03
CA ILE C 57 0.45 7.74 -4.39
C ILE C 57 0.27 6.69 -5.48
N HIS C 58 -0.63 5.75 -5.23
CA HIS C 58 -0.89 4.64 -6.15
C HIS C 58 -2.20 4.80 -6.89
N TRP C 59 -2.25 4.30 -8.11
CA TRP C 59 -3.51 4.05 -8.79
C TRP C 59 -3.74 2.52 -8.87
N VAL C 60 -4.94 2.09 -8.50
CA VAL C 60 -5.29 0.67 -8.59
C VAL C 60 -6.68 0.56 -9.22
N ARG C 61 -6.87 -0.40 -10.12
CA ARG C 61 -8.17 -0.51 -10.78
C ARG C 61 -8.82 -1.86 -10.55
N GLN C 62 -10.14 -1.89 -10.71
CA GLN C 62 -10.90 -3.11 -10.51
C GLN C 62 -12.02 -3.18 -11.52
N ALA C 63 -11.92 -4.13 -12.45
CA ALA C 63 -12.96 -4.27 -13.45
C ALA C 63 -14.20 -4.91 -12.80
N PRO C 64 -15.39 -4.67 -13.38
CA PRO C 64 -16.64 -5.11 -12.75
C PRO C 64 -16.59 -6.60 -12.44
N GLY C 65 -16.69 -6.93 -11.16
CA GLY C 65 -16.69 -8.31 -10.72
C GLY C 65 -15.32 -8.98 -10.70
N LYS C 66 -14.26 -8.19 -10.90
CA LYS C 66 -12.91 -8.73 -10.98
C LYS C 66 -12.03 -8.33 -9.76
N GLY C 67 -10.76 -8.70 -9.82
CA GLY C 67 -9.84 -8.46 -8.72
C GLY C 67 -9.21 -7.09 -8.79
N LEU C 68 -8.26 -6.85 -7.89
CA LEU C 68 -7.53 -5.58 -7.88
C LEU C 68 -6.28 -5.65 -8.73
N GLU C 69 -6.11 -4.64 -9.57
CA GLU C 69 -4.92 -4.54 -10.42
C GLU C 69 -4.19 -3.20 -10.21
N TRP C 70 -2.97 -3.28 -9.71
CA TRP C 70 -2.12 -2.08 -9.58
C TRP C 70 -1.74 -1.53 -10.95
N VAL C 71 -1.93 -0.22 -11.13
CA VAL C 71 -1.73 0.46 -12.41
C VAL C 71 -0.38 1.21 -12.40
N GLY C 72 -0.07 1.81 -11.27
CA GLY C 72 1.19 2.52 -11.14
C GLY C 72 1.24 3.39 -9.90
N TRP C 73 2.41 3.97 -9.66
CA TRP C 73 2.57 4.92 -8.58
C TRP C 73 3.42 6.13 -8.96
N ILE C 74 3.32 7.18 -8.17
CA ILE C 74 4.14 8.37 -8.29
C ILE C 74 4.60 8.77 -6.90
N THR C 75 5.82 9.31 -6.79
CA THR C 75 6.27 9.94 -5.57
C THR C 75 6.34 11.45 -5.91
N PRO C 76 5.34 12.21 -5.44
CA PRO C 76 5.20 13.62 -5.85
C PRO C 76 6.43 14.49 -5.57
N TYR C 77 7.27 14.13 -4.60
CA TYR C 77 8.41 15.01 -4.29
C TYR C 77 9.21 15.39 -5.54
N GLY C 78 9.48 14.41 -6.41
CA GLY C 78 10.20 14.69 -7.65
C GLY C 78 9.43 14.29 -8.92
N GLY C 79 8.37 13.50 -8.73
CA GLY C 79 7.53 13.08 -9.83
C GLY C 79 7.96 11.76 -10.46
N TYR C 80 8.86 11.04 -9.78
CA TYR C 80 9.22 9.69 -10.24
C TYR C 80 8.01 8.73 -10.22
N THR C 81 7.95 7.85 -11.21
CA THR C 81 6.82 6.94 -11.32
C THR C 81 7.27 5.52 -11.66
N ASN C 82 6.39 4.55 -11.40
CA ASN C 82 6.52 3.20 -11.92
C ASN C 82 5.17 2.82 -12.49
N TYR C 83 5.17 1.98 -13.51
CA TYR C 83 3.92 1.56 -14.14
C TYR C 83 3.83 0.05 -14.31
N ALA C 84 2.61 -0.48 -14.27
CA ALA C 84 2.38 -1.88 -14.60
C ALA C 84 2.71 -2.16 -16.07
N ASP C 85 3.31 -3.32 -16.33
CA ASP C 85 3.57 -3.74 -17.73
C ASP C 85 2.34 -3.60 -18.61
N SER C 86 1.17 -3.93 -18.08
CA SER C 86 -0.07 -3.91 -18.85
C SER C 86 -0.47 -2.54 -19.42
N VAL C 87 -0.01 -1.45 -18.81
CA VAL C 87 -0.41 -0.10 -19.27
C VAL C 87 0.77 0.75 -19.71
N LYS C 88 1.98 0.25 -19.48
CA LYS C 88 3.21 0.94 -19.87
C LYS C 88 3.13 1.25 -21.37
N GLY C 89 3.29 2.52 -21.71
CA GLY C 89 3.21 2.98 -23.10
C GLY C 89 1.92 3.70 -23.43
N ARG C 90 0.90 3.54 -22.57
CA ARG C 90 -0.44 4.08 -22.80
C ARG C 90 -0.91 4.96 -21.64
N PHE C 91 -0.61 4.56 -20.41
CA PHE C 91 -0.97 5.34 -19.21
C PHE C 91 0.25 6.06 -18.62
N THR C 92 0.03 7.26 -18.08
CA THR C 92 1.09 7.96 -17.33
C THR C 92 0.52 8.65 -16.08
N ILE C 93 1.38 8.91 -15.09
CA ILE C 93 0.94 9.55 -13.85
C ILE C 93 1.75 10.81 -13.61
N SER C 94 1.08 11.86 -13.18
CA SER C 94 1.76 13.10 -12.85
C SER C 94 1.17 13.67 -11.58
N ALA C 95 1.79 14.72 -11.06
CA ALA C 95 1.38 15.29 -9.79
C ALA C 95 1.63 16.77 -9.81
N ASP C 96 0.69 17.54 -9.27
CA ASP C 96 0.90 18.97 -9.11
C ASP C 96 1.00 19.25 -7.62
N THR C 97 2.21 19.42 -7.10
CA THR C 97 2.32 19.53 -5.65
C THR C 97 1.64 20.78 -5.13
N SER C 98 1.55 21.83 -5.94
CA SER C 98 0.90 23.05 -5.48
C SER C 98 -0.61 22.81 -5.23
N LYS C 99 -1.15 21.77 -5.85
CA LYS C 99 -2.56 21.43 -5.68
C LYS C 99 -2.77 20.12 -4.90
N ASN C 100 -1.67 19.52 -4.43
CA ASN C 100 -1.73 18.24 -3.75
C ASN C 100 -2.61 17.29 -4.53
N THR C 101 -2.41 17.25 -5.83
CA THR C 101 -3.27 16.43 -6.69
C THR C 101 -2.42 15.58 -7.62
N ALA C 102 -2.80 14.31 -7.79
CA ALA C 102 -2.11 13.43 -8.71
C ALA C 102 -3.06 13.12 -9.85
N TYR C 103 -2.52 12.81 -11.02
CA TYR C 103 -3.33 12.56 -12.18
C TYR C 103 -2.96 11.27 -12.89
N LEU C 104 -3.98 10.60 -13.43
CA LEU C 104 -3.75 9.44 -14.25
C LEU C 104 -4.17 9.82 -15.66
N GLN C 105 -3.21 9.90 -16.57
CA GLN C 105 -3.51 10.18 -17.97
C GLN C 105 -3.62 8.83 -18.70
N MET C 106 -4.82 8.53 -19.18
CA MET C 106 -5.07 7.28 -19.90
C MET C 106 -5.26 7.55 -21.40
N ASN C 107 -4.44 6.90 -22.24
CA ASN C 107 -4.53 7.08 -23.69
C ASN C 107 -4.92 5.80 -24.45
N SER C 108 -5.38 5.97 -25.69
CA SER C 108 -5.76 4.83 -26.54
C SER C 108 -6.62 3.83 -25.77
N LEU C 109 -7.72 4.32 -25.22
CA LEU C 109 -8.52 3.50 -24.29
C LEU C 109 -9.09 2.25 -24.98
N ARG C 110 -9.18 1.17 -24.22
CA ARG C 110 -9.72 -0.08 -24.73
C ARG C 110 -10.92 -0.47 -23.86
N ALA C 111 -11.82 -1.27 -24.42
CA ALA C 111 -12.98 -1.75 -23.67
C ALA C 111 -12.54 -2.40 -22.35
N GLU C 112 -11.42 -3.12 -22.39
CA GLU C 112 -10.93 -3.84 -21.21
C GLU C 112 -10.45 -2.88 -20.11
N ASP C 113 -10.29 -1.60 -20.45
CA ASP C 113 -9.89 -0.60 -19.44
C ASP C 113 -11.08 -0.16 -18.56
N THR C 114 -12.27 -0.63 -18.90
CA THR C 114 -13.46 -0.30 -18.13
C THR C 114 -13.28 -0.83 -16.72
N ALA C 115 -13.40 0.04 -15.72
CA ALA C 115 -13.17 -0.36 -14.32
C ALA C 115 -13.40 0.81 -13.37
N VAL C 116 -13.47 0.48 -12.10
CA VAL C 116 -13.39 1.50 -11.06
C VAL C 116 -11.91 1.75 -10.82
N TYR C 117 -11.50 3.00 -10.87
CA TYR C 117 -10.11 3.38 -10.62
C TYR C 117 -10.00 4.04 -9.26
N TYR C 118 -9.16 3.46 -8.38
CA TYR C 118 -8.85 4.02 -7.06
C TYR C 118 -7.46 4.68 -7.03
N CYS C 119 -7.33 5.75 -6.25
CA CYS C 119 -6.01 6.23 -5.86
C CYS C 119 -5.87 5.88 -4.39
N ALA C 120 -4.67 5.52 -3.99
CA ALA C 120 -4.46 5.06 -2.62
C ALA C 120 -3.10 5.57 -2.19
N ARG C 121 -2.95 5.75 -0.89
CA ARG C 121 -1.69 6.27 -0.36
C ARG C 121 -0.86 5.12 0.18
N GLY C 122 0.43 5.10 -0.13
CA GLY C 122 1.34 4.15 0.51
C GLY C 122 1.53 4.55 1.95
N SER C 123 1.89 3.58 2.78
CA SER C 123 2.07 3.84 4.20
C SER C 123 3.51 4.34 4.46
N GLY C 124 3.68 5.11 5.52
CA GLY C 124 5.02 5.55 5.90
C GLY C 124 5.62 6.62 5.01
N HIS C 125 6.90 6.89 5.22
CA HIS C 125 7.58 7.98 4.52
C HIS C 125 8.38 7.43 3.35
N VAL C 126 8.23 8.06 2.18
CA VAL C 126 8.96 7.67 0.98
C VAL C 126 10.48 7.56 1.23
N ASN C 127 11.01 8.30 2.21
CA ASN C 127 12.46 8.30 2.40
C ASN C 127 12.89 7.35 3.51
N ALA C 128 11.94 6.66 4.14
CA ALA C 128 12.29 5.77 5.26
C ALA C 128 12.96 4.48 4.81
N VAL C 129 13.89 3.99 5.63
CA VAL C 129 14.56 2.72 5.36
C VAL C 129 13.59 1.54 5.50
N LYS C 130 12.86 1.49 6.62
CA LYS C 130 11.83 0.48 6.74
C LYS C 130 10.69 0.95 5.87
N ASN C 131 10.56 0.35 4.69
CA ASN C 131 9.60 0.89 3.74
C ASN C 131 8.25 0.17 3.58
N TYR C 132 7.21 0.94 3.85
CA TYR C 132 5.83 0.48 3.78
C TYR C 132 5.08 1.20 2.66
N GLY C 133 5.84 1.81 1.75
CA GLY C 133 5.29 2.54 0.63
C GLY C 133 4.31 1.78 -0.27
N TYR C 134 4.40 0.45 -0.32
CA TYR C 134 3.50 -0.37 -1.14
C TYR C 134 2.30 -0.94 -0.36
N VAL C 135 2.26 -0.63 0.94
CA VAL C 135 1.10 -0.98 1.77
C VAL C 135 0.14 0.19 1.64
N MET C 136 -1.08 -0.09 1.19
CA MET C 136 -1.98 1.00 0.84
C MET C 136 -2.99 1.26 1.97
N ASP C 137 -2.68 2.26 2.80
CA ASP C 137 -3.42 2.43 4.05
C ASP C 137 -4.66 3.31 3.93
N TYR C 138 -4.71 4.14 2.90
CA TYR C 138 -5.87 5.00 2.66
C TYR C 138 -6.23 4.97 1.18
N TRP C 139 -7.50 4.74 0.88
CA TRP C 139 -7.99 4.62 -0.50
C TRP C 139 -9.08 5.65 -0.74
N GLY C 140 -9.11 6.23 -1.95
CA GLY C 140 -10.24 7.05 -2.35
C GLY C 140 -11.47 6.16 -2.55
N GLN C 141 -12.61 6.80 -2.80
CA GLN C 141 -13.89 6.10 -3.00
C GLN C 141 -13.94 5.41 -4.38
N GLY C 142 -13.04 5.83 -5.27
CA GLY C 142 -12.97 5.26 -6.60
C GLY C 142 -13.74 6.07 -7.62
N THR C 143 -13.33 5.99 -8.89
CA THR C 143 -14.08 6.65 -9.94
C THR C 143 -14.26 5.68 -11.10
N LEU C 144 -15.50 5.53 -11.55
CA LEU C 144 -15.83 4.56 -12.60
C LEU C 144 -15.54 5.09 -14.00
N VAL C 145 -14.74 4.32 -14.75
CA VAL C 145 -14.43 4.65 -16.13
C VAL C 145 -15.05 3.57 -17.02
N THR C 146 -15.85 4.00 -17.97
CA THR C 146 -16.55 3.08 -18.87
C THR C 146 -16.11 3.39 -20.28
N VAL C 147 -15.45 2.44 -20.93
CA VAL C 147 -14.99 2.64 -22.29
C VAL C 147 -15.98 1.96 -23.22
N SER C 148 -16.79 2.77 -23.89
CA SER C 148 -17.85 2.23 -24.75
C SER C 148 -18.28 3.23 -25.79
N SER C 149 -18.76 2.72 -26.93
CA SER C 149 -19.31 3.53 -28.00
C SER C 149 -20.75 3.99 -27.74
N ALA C 150 -21.43 3.37 -26.78
CA ALA C 150 -22.81 3.72 -26.48
C ALA C 150 -22.98 5.13 -25.89
N SER C 151 -24.18 5.69 -26.03
CA SER C 151 -24.44 7.06 -25.56
C SER C 151 -25.02 7.05 -24.15
N THR C 152 -24.82 8.15 -23.44
CA THR C 152 -25.43 8.33 -22.14
C THR C 152 -26.95 8.34 -22.23
N LYS C 153 -27.62 7.62 -21.34
CA LYS C 153 -29.08 7.60 -21.32
C LYS C 153 -29.61 7.61 -19.88
N GLY C 154 -30.51 8.54 -19.58
CA GLY C 154 -31.12 8.60 -18.26
C GLY C 154 -32.19 7.54 -18.07
N PRO C 155 -32.40 7.10 -16.83
CA PRO C 155 -33.36 6.01 -16.57
C PRO C 155 -34.81 6.47 -16.65
N SER C 156 -35.71 5.52 -16.94
CA SER C 156 -37.11 5.68 -16.63
C SER C 156 -37.33 5.09 -15.22
N VAL C 157 -38.27 5.66 -14.47
CA VAL C 157 -38.55 5.18 -13.12
C VAL C 157 -40.02 4.85 -13.02
N PHE C 158 -40.32 3.59 -12.69
CA PHE C 158 -41.70 3.15 -12.56
C PHE C 158 -41.97 2.67 -11.14
N PRO C 159 -43.23 2.79 -10.69
CA PRO C 159 -43.53 2.33 -9.34
C PRO C 159 -43.65 0.82 -9.32
N LEU C 160 -43.35 0.22 -8.17
CA LEU C 160 -43.76 -1.14 -7.89
C LEU C 160 -44.75 -1.08 -6.74
N ALA C 161 -46.04 -1.09 -7.10
CA ALA C 161 -47.11 -0.88 -6.13
C ALA C 161 -47.29 -2.02 -5.14
N PRO C 162 -47.39 -1.69 -3.85
CA PRO C 162 -47.63 -2.67 -2.80
C PRO C 162 -48.89 -3.46 -3.11
N SER C 168 -48.55 -9.55 3.13
CA SER C 168 -48.43 -10.91 3.64
C SER C 168 -47.49 -11.02 4.84
N GLY C 169 -47.97 -11.67 5.90
CA GLY C 169 -47.19 -11.83 7.12
C GLY C 169 -47.26 -10.61 8.02
N GLY C 170 -48.15 -9.67 7.67
CA GLY C 170 -48.27 -8.42 8.40
C GLY C 170 -47.36 -7.34 7.82
N THR C 171 -46.73 -7.63 6.69
CA THR C 171 -45.81 -6.67 6.06
C THR C 171 -46.02 -6.56 4.55
N ALA C 172 -45.96 -5.35 4.04
CA ALA C 172 -46.08 -5.11 2.61
C ALA C 172 -44.72 -4.77 2.02
N ALA C 173 -44.60 -4.94 0.71
CA ALA C 173 -43.38 -4.58 0.00
C ALA C 173 -43.74 -3.69 -1.17
N LEU C 174 -42.93 -2.66 -1.40
CA LEU C 174 -43.10 -1.78 -2.53
C LEU C 174 -41.72 -1.42 -3.04
N GLY C 175 -41.66 -0.73 -4.16
CA GLY C 175 -40.37 -0.38 -4.71
C GLY C 175 -40.45 0.50 -5.94
N CYS C 176 -39.29 0.75 -6.53
CA CYS C 176 -39.19 1.47 -7.79
C CYS C 176 -38.33 0.67 -8.76
N LEU C 177 -38.75 0.65 -10.03
CA LEU C 177 -37.99 0.05 -11.12
C LEU C 177 -37.29 1.17 -11.89
N VAL C 178 -35.97 1.10 -11.93
CA VAL C 178 -35.14 2.08 -12.60
C VAL C 178 -34.59 1.44 -13.85
N LYS C 179 -35.26 1.66 -14.98
CA LYS C 179 -34.99 0.92 -16.20
C LYS C 179 -34.28 1.70 -17.31
N ASP C 180 -33.40 1.01 -18.04
CA ASP C 180 -32.82 1.53 -19.28
C ASP C 180 -31.96 2.77 -19.10
N TYR C 181 -30.84 2.62 -18.40
CA TYR C 181 -29.92 3.74 -18.27
C TYR C 181 -28.50 3.31 -18.66
N PHE C 182 -27.64 4.30 -18.88
CA PHE C 182 -26.26 4.07 -19.26
C PHE C 182 -25.48 5.38 -19.17
N PRO C 183 -24.26 5.34 -18.62
CA PRO C 183 -23.62 4.15 -18.03
C PRO C 183 -24.03 4.04 -16.56
N GLU C 184 -23.41 3.12 -15.82
CA GLU C 184 -23.55 3.10 -14.35
C GLU C 184 -22.86 4.37 -13.84
N PRO C 185 -23.15 4.77 -12.61
CA PRO C 185 -24.08 4.14 -11.66
C PRO C 185 -25.34 4.97 -11.47
N VAL C 186 -26.27 4.42 -10.69
CA VAL C 186 -27.45 5.14 -10.28
C VAL C 186 -27.56 5.02 -8.76
N THR C 187 -28.18 6.01 -8.14
CA THR C 187 -28.35 6.03 -6.70
C THR C 187 -29.83 6.05 -6.40
N VAL C 188 -30.24 5.30 -5.37
CA VAL C 188 -31.62 5.37 -4.89
C VAL C 188 -31.65 5.55 -3.38
N SER C 189 -32.43 6.53 -2.93
CA SER C 189 -32.75 6.64 -1.51
C SER C 189 -34.27 6.60 -1.36
N TRP C 190 -34.74 6.41 -0.14
CA TRP C 190 -36.18 6.44 0.14
C TRP C 190 -36.53 7.55 1.12
N ASN C 191 -37.58 8.31 0.80
CA ASN C 191 -38.00 9.45 1.62
C ASN C 191 -36.81 10.34 2.00
N SER C 192 -36.07 10.80 0.99
CA SER C 192 -34.90 11.65 1.19
C SER C 192 -33.97 11.16 2.29
N GLY C 193 -33.82 9.86 2.44
CA GLY C 193 -32.89 9.30 3.41
C GLY C 193 -33.50 8.92 4.74
N ALA C 194 -34.74 9.35 5.00
CA ALA C 194 -35.43 9.06 6.25
C ALA C 194 -35.73 7.58 6.44
N LEU C 195 -35.92 6.86 5.33
CA LEU C 195 -36.26 5.45 5.42
C LEU C 195 -35.08 4.60 4.96
N THR C 196 -34.53 3.81 5.88
CA THR C 196 -33.37 3.00 5.59
C THR C 196 -33.61 1.53 5.92
N SER C 197 -34.39 1.28 6.97
CA SER C 197 -34.69 -0.09 7.37
C SER C 197 -35.55 -0.82 6.34
N GLY C 198 -35.18 -2.06 6.07
CA GLY C 198 -35.92 -2.90 5.15
C GLY C 198 -35.71 -2.56 3.68
N VAL C 199 -34.83 -1.60 3.39
CA VAL C 199 -34.55 -1.22 2.00
C VAL C 199 -33.57 -2.17 1.31
N HIS C 200 -33.92 -2.62 0.12
CA HIS C 200 -33.03 -3.42 -0.73
C HIS C 200 -32.94 -2.80 -2.12
N THR C 201 -31.76 -2.26 -2.44
CA THR C 201 -31.50 -1.75 -3.78
C THR C 201 -30.58 -2.75 -4.48
N PHE C 202 -31.10 -3.42 -5.50
CA PHE C 202 -30.37 -4.49 -6.18
C PHE C 202 -29.24 -3.97 -7.06
N PRO C 203 -28.18 -4.78 -7.23
CA PRO C 203 -27.12 -4.46 -8.18
C PRO C 203 -27.76 -4.31 -9.55
N ALA C 204 -27.28 -3.37 -10.35
CA ALA C 204 -27.84 -3.19 -11.68
C ALA C 204 -27.52 -4.43 -12.52
N VAL C 205 -28.41 -4.76 -13.45
CA VAL C 205 -28.12 -5.81 -14.41
C VAL C 205 -28.12 -5.25 -15.83
N LEU C 206 -27.18 -5.72 -16.64
CA LEU C 206 -27.10 -5.33 -18.03
C LEU C 206 -28.08 -6.09 -18.91
N GLN C 207 -29.00 -5.38 -19.53
CA GLN C 207 -30.02 -6.02 -20.35
C GLN C 207 -29.46 -6.29 -21.75
N SER C 208 -30.14 -7.14 -22.52
CA SER C 208 -29.68 -7.47 -23.88
C SER C 208 -29.60 -6.24 -24.79
N SER C 209 -30.24 -5.15 -24.39
CA SER C 209 -30.21 -3.91 -25.18
C SER C 209 -28.90 -3.16 -25.01
N GLY C 210 -28.14 -3.51 -23.99
CA GLY C 210 -26.91 -2.81 -23.66
C GLY C 210 -27.15 -1.70 -22.64
N LEU C 211 -28.38 -1.62 -22.14
CA LEU C 211 -28.75 -0.67 -21.08
C LEU C 211 -28.94 -1.37 -19.74
N TYR C 212 -28.65 -0.66 -18.67
CA TYR C 212 -28.78 -1.20 -17.31
C TYR C 212 -30.20 -1.07 -16.76
N SER C 213 -30.55 -1.96 -15.83
CA SER C 213 -31.79 -1.84 -15.10
C SER C 213 -31.62 -2.34 -13.68
N LEU C 214 -32.39 -1.77 -12.76
CA LEU C 214 -32.45 -2.32 -11.40
C LEU C 214 -33.70 -1.87 -10.67
N SER C 215 -33.97 -2.54 -9.55
CA SER C 215 -35.11 -2.18 -8.71
C SER C 215 -34.63 -1.86 -7.31
N SER C 216 -35.32 -0.95 -6.65
CA SER C 216 -35.12 -0.71 -5.24
C SER C 216 -36.43 -1.04 -4.57
N VAL C 217 -36.36 -1.83 -3.50
CA VAL C 217 -37.57 -2.20 -2.80
C VAL C 217 -37.38 -1.99 -1.29
N VAL C 218 -38.49 -1.89 -0.60
CA VAL C 218 -38.47 -1.78 0.85
C VAL C 218 -39.69 -2.52 1.40
N THR C 219 -39.51 -3.21 2.52
CA THR C 219 -40.64 -3.83 3.19
C THR C 219 -41.03 -2.96 4.36
N VAL C 220 -42.34 -2.76 4.51
CA VAL C 220 -42.88 -1.91 5.55
C VAL C 220 -44.07 -2.64 6.16
N PRO C 221 -44.52 -2.19 7.34
CA PRO C 221 -45.73 -2.79 7.92
C PRO C 221 -46.93 -2.54 6.99
N SER C 222 -47.69 -3.56 6.65
CA SER C 222 -48.81 -3.39 5.71
C SER C 222 -49.86 -2.42 6.26
N SER C 223 -49.94 -2.30 7.58
CA SER C 223 -50.88 -1.39 8.22
C SER C 223 -50.53 0.06 7.93
N SER C 224 -49.33 0.29 7.40
CA SER C 224 -48.85 1.64 7.12
C SER C 224 -49.28 2.17 5.75
N LEU C 225 -49.70 1.26 4.86
CA LEU C 225 -49.94 1.63 3.46
C LEU C 225 -50.92 2.79 3.28
N GLY C 226 -51.85 2.93 4.21
CA GLY C 226 -52.87 3.96 4.11
C GLY C 226 -52.43 5.36 4.48
N THR C 227 -51.45 5.47 5.38
CA THR C 227 -51.11 6.77 5.95
C THR C 227 -49.69 7.26 5.68
N GLN C 228 -48.73 6.34 5.60
CA GLN C 228 -47.33 6.74 5.40
C GLN C 228 -46.97 6.95 3.93
N THR C 229 -46.34 8.08 3.62
CA THR C 229 -45.94 8.35 2.25
C THR C 229 -44.55 7.79 1.92
N TYR C 230 -44.47 7.11 0.77
CA TYR C 230 -43.23 6.47 0.33
C TYR C 230 -42.78 7.03 -1.02
N ILE C 231 -41.67 7.77 -1.00
CA ILE C 231 -41.07 8.31 -2.23
C ILE C 231 -39.68 7.73 -2.43
N CYS C 232 -39.39 7.28 -3.64
CA CYS C 232 -38.05 6.84 -3.96
C CYS C 232 -37.34 7.94 -4.74
N ASN C 233 -36.12 8.26 -4.32
CA ASN C 233 -35.33 9.31 -4.94
C ASN C 233 -34.23 8.69 -5.81
N VAL C 234 -34.31 8.92 -7.11
CA VAL C 234 -33.36 8.35 -8.07
C VAL C 234 -32.43 9.38 -8.67
N ASN C 235 -31.12 9.10 -8.63
CA ASN C 235 -30.14 9.98 -9.25
C ASN C 235 -29.24 9.23 -10.24
N HIS C 236 -29.24 9.68 -11.49
CA HIS C 236 -28.31 9.19 -12.49
C HIS C 236 -27.46 10.38 -12.89
N LYS C 237 -26.38 10.61 -12.16
CA LYS C 237 -25.54 11.76 -12.44
C LYS C 237 -24.96 11.79 -13.86
N PRO C 238 -24.58 10.63 -14.43
CA PRO C 238 -24.01 10.69 -15.78
C PRO C 238 -24.94 11.39 -16.78
N SER C 239 -26.24 11.29 -16.56
CA SER C 239 -27.20 11.99 -17.40
C SER C 239 -27.79 13.20 -16.69
N ASN C 240 -27.32 13.45 -15.46
CA ASN C 240 -27.91 14.49 -14.63
C ASN C 240 -29.42 14.32 -14.49
N THR C 241 -29.84 13.06 -14.36
CA THR C 241 -31.25 12.73 -14.17
C THR C 241 -31.57 12.65 -12.68
N LYS C 242 -32.58 13.39 -12.25
CA LYS C 242 -33.02 13.37 -10.86
C LYS C 242 -34.53 13.19 -10.80
N VAL C 243 -34.98 12.08 -10.24
CA VAL C 243 -36.41 11.78 -10.21
C VAL C 243 -36.86 11.33 -8.84
N ASP C 244 -37.99 11.89 -8.38
CA ASP C 244 -38.64 11.41 -7.17
C ASP C 244 -39.99 10.85 -7.55
N LYS C 245 -40.17 9.55 -7.31
CA LYS C 245 -41.43 8.90 -7.64
C LYS C 245 -42.18 8.53 -6.36
N LYS C 246 -43.44 8.96 -6.27
CA LYS C 246 -44.31 8.51 -5.20
C LYS C 246 -44.85 7.14 -5.57
N VAL C 247 -44.80 6.21 -4.62
CA VAL C 247 -45.28 4.86 -4.85
C VAL C 247 -46.54 4.61 -4.05
N GLU C 248 -47.67 4.50 -4.73
CA GLU C 248 -48.95 4.26 -4.06
C GLU C 248 -49.52 2.89 -4.38
N PRO C 249 -50.35 2.36 -3.48
CA PRO C 249 -51.10 1.13 -3.73
C PRO C 249 -52.32 1.44 -4.58
N LYS C 250 -52.84 0.46 -5.31
CA LYS C 250 -52.27 -0.89 -5.37
C LYS C 250 -52.01 -1.29 -6.82
#